data_1O1U
#
_entry.id   1O1U
#
_entity_poly.entity_id   1
_entity_poly.type   'polypeptide(L)'
_entity_poly.pdbx_seq_one_letter_code
;AFTGKFEMESEKNYDEFMKLLGISSDVIEKARNFKIVTEVQQDGQDFTWSQHYSGGHTMTNKFTVGKESNIQTMGGKTFK
ATVQMEGGKLVVNFPNYHQTSEIVGDKLVEVSTIGGVTYERVSKRLA
;
_entity_poly.pdbx_strand_id   A
#
# COMPACT_ATOMS: atom_id res chain seq x y z
N ALA A 1 0.21 -13.85 -7.42
CA ALA A 1 0.72 -14.50 -6.22
C ALA A 1 0.52 -13.61 -5.02
N PHE A 2 1.09 -12.38 -5.02
CA PHE A 2 0.95 -11.47 -3.88
C PHE A 2 1.44 -12.19 -2.65
N THR A 3 2.73 -12.61 -2.63
CA THR A 3 3.25 -13.35 -1.48
C THR A 3 4.76 -13.23 -1.48
N GLY A 4 5.38 -12.54 -0.48
CA GLY A 4 6.84 -12.44 -0.46
C GLY A 4 7.29 -11.21 0.28
N LYS A 5 8.62 -11.00 0.45
CA LYS A 5 9.10 -9.75 1.04
C LYS A 5 9.28 -8.76 -0.06
N PHE A 6 9.07 -7.45 0.21
CA PHE A 6 9.34 -6.41 -0.77
C PHE A 6 9.84 -5.18 -0.06
N GLU A 7 10.30 -4.12 -0.76
CA GLU A 7 10.62 -2.88 -0.05
C GLU A 7 10.56 -1.69 -0.98
N MET A 8 10.06 -0.52 -0.51
CA MET A 8 9.85 0.61 -1.40
C MET A 8 11.20 1.14 -1.83
N GLU A 9 11.68 0.91 -3.08
CA GLU A 9 12.95 1.51 -3.49
C GLU A 9 12.75 2.94 -3.93
N SER A 10 11.63 3.27 -4.62
CA SER A 10 11.48 4.61 -5.21
C SER A 10 10.04 4.98 -5.40
N GLU A 11 9.74 6.24 -5.81
CA GLU A 11 8.36 6.70 -5.93
C GLU A 11 8.19 7.59 -7.14
N LYS A 12 6.93 7.98 -7.47
CA LYS A 12 6.67 8.87 -8.61
C LYS A 12 6.03 10.16 -8.13
N ASN A 13 4.72 10.18 -7.75
CA ASN A 13 4.06 11.42 -7.34
C ASN A 13 3.78 11.44 -5.85
N TYR A 14 4.49 10.62 -5.05
CA TYR A 14 4.28 10.58 -3.61
C TYR A 14 4.15 11.94 -2.98
N ASP A 15 5.04 12.90 -3.33
CA ASP A 15 5.03 14.18 -2.64
C ASP A 15 3.68 14.85 -2.71
N GLU A 16 3.15 15.03 -3.94
CA GLU A 16 1.87 15.72 -4.08
C GLU A 16 0.77 14.85 -3.51
N PHE A 17 0.67 13.57 -3.92
CA PHE A 17 -0.35 12.71 -3.34
C PHE A 17 -0.43 12.86 -1.84
N MET A 18 0.73 12.99 -1.16
CA MET A 18 0.72 13.20 0.28
C MET A 18 0.12 14.55 0.54
N LYS A 19 0.58 15.62 -0.15
CA LYS A 19 0.08 16.96 0.16
C LYS A 19 -1.43 17.01 0.05
N LEU A 20 -2.08 16.13 -0.76
CA LEU A 20 -3.54 16.07 -0.75
C LEU A 20 -4.00 15.33 0.48
N LEU A 21 -3.48 14.11 0.79
CA LEU A 21 -3.97 13.39 1.97
C LEU A 21 -3.85 14.29 3.18
N GLY A 22 -2.67 14.94 3.36
CA GLY A 22 -2.43 15.82 4.50
C GLY A 22 -1.58 15.07 5.51
N ILE A 23 -0.33 14.72 5.14
CA ILE A 23 0.56 13.98 6.05
C ILE A 23 1.57 14.96 6.61
N SER A 24 2.18 14.66 7.79
CA SER A 24 3.11 15.62 8.39
C SER A 24 4.40 15.71 7.62
N SER A 25 4.99 16.92 7.46
CA SER A 25 6.17 17.08 6.61
C SER A 25 7.31 16.16 6.94
N ASP A 26 7.50 15.75 8.21
CA ASP A 26 8.67 14.92 8.52
C ASP A 26 8.34 13.54 8.05
N VAL A 27 7.12 13.07 8.35
CA VAL A 27 6.69 11.75 7.91
C VAL A 27 6.68 11.74 6.39
N ILE A 28 6.31 12.84 5.71
CA ILE A 28 6.37 12.83 4.25
C ILE A 28 7.80 12.51 3.88
N GLU A 29 8.77 13.33 4.35
CA GLU A 29 10.15 13.11 3.96
C GLU A 29 10.65 11.73 4.31
N LYS A 30 10.11 11.05 5.35
CA LYS A 30 10.66 9.74 5.68
C LYS A 30 10.39 8.76 4.56
N ALA A 31 9.12 8.38 4.30
CA ALA A 31 8.88 7.27 3.37
C ALA A 31 9.64 7.47 2.08
N ARG A 32 9.73 8.73 1.59
CA ARG A 32 10.40 8.95 0.31
C ARG A 32 11.90 8.86 0.46
N ASN A 33 12.48 9.21 1.63
CA ASN A 33 13.90 8.96 1.89
C ASN A 33 14.07 7.73 2.77
N PHE A 34 13.20 6.69 2.66
CA PHE A 34 13.33 5.52 3.52
C PHE A 34 12.78 4.29 2.83
N LYS A 35 13.39 3.08 3.04
CA LYS A 35 12.86 1.87 2.42
C LYS A 35 11.85 1.29 3.37
N ILE A 36 10.57 1.71 3.30
CA ILE A 36 9.54 1.02 4.08
C ILE A 36 9.57 -0.41 3.58
N VAL A 37 9.69 -1.42 4.46
CA VAL A 37 9.71 -2.81 4.01
C VAL A 37 8.27 -3.23 3.94
N THR A 38 7.96 -4.19 3.04
CA THR A 38 6.59 -4.59 2.80
C THR A 38 6.54 -6.08 2.62
N GLU A 39 5.84 -6.83 3.50
CA GLU A 39 5.69 -8.28 3.33
C GLU A 39 4.27 -8.53 2.91
N VAL A 40 4.00 -9.70 2.26
CA VAL A 40 2.63 -10.05 1.93
C VAL A 40 2.44 -11.55 2.07
N GLN A 41 1.23 -12.04 2.42
CA GLN A 41 0.97 -13.47 2.38
C GLN A 41 -0.47 -13.68 1.93
N GLN A 42 -0.71 -13.76 0.61
CA GLN A 42 -2.06 -13.98 0.10
C GLN A 42 -2.51 -15.37 0.51
N ASP A 43 -3.12 -15.50 1.70
CA ASP A 43 -3.59 -16.80 2.18
C ASP A 43 -5.03 -16.95 1.73
N GLY A 44 -5.26 -17.12 0.41
CA GLY A 44 -6.63 -17.25 -0.07
C GLY A 44 -7.31 -15.91 -0.17
N GLN A 45 -8.66 -15.92 -0.18
CA GLN A 45 -9.44 -14.67 -0.20
C GLN A 45 -8.95 -13.74 0.90
N ASP A 46 -8.49 -14.25 2.07
CA ASP A 46 -7.91 -13.37 3.07
C ASP A 46 -6.47 -13.10 2.70
N PHE A 47 -5.94 -11.89 2.98
CA PHE A 47 -4.53 -11.60 2.75
C PHE A 47 -3.95 -11.20 4.09
N THR A 48 -2.60 -11.27 4.27
CA THR A 48 -1.97 -10.77 5.48
C THR A 48 -0.92 -9.80 4.99
N TRP A 49 -1.34 -8.60 4.56
CA TRP A 49 -0.36 -7.65 4.04
C TRP A 49 0.35 -7.05 5.21
N SER A 50 1.59 -6.54 5.06
CA SER A 50 2.21 -5.79 6.16
C SER A 50 3.14 -4.74 5.61
N GLN A 51 3.45 -3.70 6.42
CA GLN A 51 4.23 -2.58 5.94
C GLN A 51 5.24 -2.27 7.03
N HIS A 52 6.35 -3.04 7.09
CA HIS A 52 7.27 -2.92 8.22
C HIS A 52 8.13 -1.71 8.06
N TYR A 53 8.52 -1.02 9.16
CA TYR A 53 9.45 0.10 9.03
C TYR A 53 10.81 -0.47 9.36
N SER A 54 11.32 -1.37 8.48
CA SER A 54 12.63 -1.97 8.69
C SER A 54 12.78 -2.53 10.08
N GLY A 55 11.81 -3.33 10.55
CA GLY A 55 11.94 -4.00 11.86
C GLY A 55 11.38 -3.20 13.01
N GLY A 56 11.40 -1.86 13.00
CA GLY A 56 10.91 -1.11 14.16
C GLY A 56 9.40 -1.11 14.16
N HIS A 57 8.73 0.06 14.02
CA HIS A 57 7.27 0.06 13.92
C HIS A 57 6.84 -0.91 12.84
N THR A 58 5.63 -1.52 12.97
CA THR A 58 5.10 -2.33 11.87
C THR A 58 3.65 -1.96 11.69
N MET A 59 3.27 -1.25 10.60
CA MET A 59 1.86 -1.02 10.34
C MET A 59 1.39 -2.25 9.58
N THR A 60 0.10 -2.65 9.63
CA THR A 60 -0.33 -3.82 8.87
C THR A 60 -1.63 -3.57 8.15
N ASN A 61 -1.88 -4.27 7.02
CA ASN A 61 -3.12 -4.10 6.26
C ASN A 61 -3.66 -5.50 5.99
N LYS A 62 -4.18 -6.18 7.04
CA LYS A 62 -4.85 -7.46 6.80
C LYS A 62 -6.18 -7.13 6.16
N PHE A 63 -6.66 -7.94 5.18
CA PHE A 63 -7.99 -7.69 4.63
C PHE A 63 -8.53 -8.91 3.94
N THR A 64 -9.83 -8.92 3.57
CA THR A 64 -10.39 -10.01 2.79
C THR A 64 -11.02 -9.41 1.56
N VAL A 65 -10.83 -10.02 0.37
CA VAL A 65 -11.23 -9.40 -0.89
C VAL A 65 -12.62 -9.87 -1.23
N GLY A 66 -13.41 -9.06 -1.97
CA GLY A 66 -14.80 -9.42 -2.18
C GLY A 66 -15.52 -9.47 -0.86
N LYS A 67 -15.02 -8.75 0.18
CA LYS A 67 -15.68 -8.81 1.50
C LYS A 67 -15.58 -7.45 2.18
N GLU A 68 -14.35 -6.95 2.45
CA GLU A 68 -14.09 -5.65 3.06
C GLU A 68 -13.51 -5.89 4.43
N SER A 69 -12.73 -4.92 4.95
CA SER A 69 -12.16 -5.06 6.28
C SER A 69 -11.71 -3.71 6.77
N ASN A 70 -11.39 -3.53 8.08
CA ASN A 70 -10.78 -2.28 8.48
C ASN A 70 -9.34 -2.33 8.00
N ILE A 71 -8.76 -1.21 7.49
CA ILE A 71 -7.39 -1.23 6.96
C ILE A 71 -6.67 0.00 7.47
N GLN A 72 -5.37 -0.10 7.85
CA GLN A 72 -4.72 1.00 8.58
C GLN A 72 -4.39 2.16 7.67
N THR A 73 -3.94 1.87 6.43
CA THR A 73 -3.78 2.89 5.40
C THR A 73 -2.67 3.88 5.68
N MET A 74 -2.23 4.62 4.63
CA MET A 74 -1.20 5.64 4.79
C MET A 74 -1.84 7.02 4.85
N GLY A 75 -3.12 7.13 5.30
CA GLY A 75 -3.75 8.43 5.47
C GLY A 75 -3.56 8.84 6.90
N GLY A 76 -4.47 9.67 7.47
CA GLY A 76 -4.35 10.05 8.86
C GLY A 76 -4.76 8.92 9.78
N LYS A 77 -5.78 8.11 9.39
CA LYS A 77 -6.36 7.13 10.30
C LYS A 77 -6.81 5.86 9.61
N THR A 78 -7.22 4.84 10.39
CA THR A 78 -7.75 3.61 9.81
C THR A 78 -9.07 3.89 9.14
N PHE A 79 -9.37 3.24 7.99
CA PHE A 79 -10.70 3.33 7.37
C PHE A 79 -11.19 1.92 7.12
N LYS A 80 -12.42 1.75 6.60
CA LYS A 80 -12.87 0.42 6.15
C LYS A 80 -13.09 0.51 4.66
N ALA A 81 -12.74 -0.54 3.87
CA ALA A 81 -12.71 -0.39 2.42
C ALA A 81 -12.92 -1.72 1.76
N THR A 82 -13.50 -1.76 0.53
CA THR A 82 -13.79 -3.06 -0.08
C THR A 82 -12.64 -3.44 -0.97
N VAL A 83 -11.76 -4.37 -0.52
CA VAL A 83 -10.68 -4.83 -1.39
C VAL A 83 -11.33 -5.78 -2.37
N GLN A 84 -10.86 -5.81 -3.63
CA GLN A 84 -11.35 -6.79 -4.60
C GLN A 84 -10.16 -7.25 -5.42
N MET A 85 -10.38 -8.23 -6.31
CA MET A 85 -9.30 -8.78 -7.13
C MET A 85 -9.78 -8.74 -8.56
N GLU A 86 -8.86 -9.07 -9.51
CA GLU A 86 -9.28 -9.26 -10.91
C GLU A 86 -8.66 -10.53 -11.44
N GLY A 87 -7.32 -10.60 -11.55
CA GLY A 87 -6.66 -11.82 -12.03
C GLY A 87 -5.20 -11.79 -11.63
N GLY A 88 -4.38 -10.97 -12.32
CA GLY A 88 -2.99 -10.78 -11.90
C GLY A 88 -2.85 -9.42 -11.25
N LYS A 89 -3.85 -8.98 -10.45
CA LYS A 89 -3.77 -7.67 -9.82
C LYS A 89 -4.78 -7.57 -8.70
N LEU A 90 -4.80 -6.42 -7.99
CA LEU A 90 -5.60 -6.28 -6.79
C LEU A 90 -6.26 -4.93 -6.78
N VAL A 91 -7.34 -4.73 -6.00
CA VAL A 91 -8.11 -3.49 -6.10
C VAL A 91 -8.58 -3.06 -4.73
N VAL A 92 -8.67 -1.74 -4.43
CA VAL A 92 -9.30 -1.31 -3.19
C VAL A 92 -9.81 0.11 -3.33
N ASN A 93 -10.82 0.49 -2.52
CA ASN A 93 -11.38 1.83 -2.59
C ASN A 93 -11.86 2.18 -1.19
N PHE A 94 -11.29 3.25 -0.57
CA PHE A 94 -11.62 3.61 0.80
C PHE A 94 -12.47 4.86 0.73
N PRO A 95 -13.31 5.27 1.72
CA PRO A 95 -13.96 6.58 1.63
C PRO A 95 -12.93 7.64 1.95
N ASN A 96 -11.91 7.81 1.07
CA ASN A 96 -10.77 8.67 1.36
C ASN A 96 -9.86 8.77 0.13
N TYR A 97 -9.42 7.61 -0.43
CA TYR A 97 -8.56 7.58 -1.61
C TYR A 97 -8.85 6.28 -2.34
N HIS A 98 -8.14 5.95 -3.44
CA HIS A 98 -8.33 4.67 -4.13
C HIS A 98 -6.97 4.08 -4.42
N GLN A 99 -6.85 2.74 -4.55
CA GLN A 99 -5.53 2.16 -4.81
C GLN A 99 -5.70 0.81 -5.47
N THR A 100 -4.72 0.36 -6.29
CA THR A 100 -4.81 -0.93 -6.98
C THR A 100 -3.41 -1.49 -6.98
N SER A 101 -3.13 -2.70 -6.42
CA SER A 101 -1.76 -3.23 -6.44
C SER A 101 -1.61 -4.16 -7.62
N GLU A 102 -0.37 -4.49 -8.04
CA GLU A 102 -0.20 -5.24 -9.29
C GLU A 102 1.15 -5.95 -9.27
N ILE A 103 1.18 -7.27 -8.93
CA ILE A 103 2.46 -8.00 -8.87
C ILE A 103 3.00 -8.23 -10.26
N VAL A 104 4.35 -8.29 -10.43
CA VAL A 104 4.95 -8.55 -11.75
C VAL A 104 6.03 -9.59 -11.54
N GLY A 105 5.66 -10.89 -11.45
CA GLY A 105 6.67 -11.95 -11.32
C GLY A 105 7.37 -11.86 -9.98
N ASP A 106 8.40 -10.99 -9.86
CA ASP A 106 9.15 -10.87 -8.61
C ASP A 106 9.30 -9.40 -8.33
N LYS A 107 8.15 -8.70 -8.16
CA LYS A 107 8.16 -7.27 -7.91
C LYS A 107 6.77 -6.87 -7.51
N LEU A 108 6.58 -6.01 -6.49
CA LEU A 108 5.25 -5.53 -6.12
C LEU A 108 5.22 -4.09 -6.53
N VAL A 109 4.21 -3.62 -7.29
CA VAL A 109 4.08 -2.19 -7.56
C VAL A 109 2.71 -1.79 -7.10
N GLU A 110 2.49 -0.48 -6.81
CA GLU A 110 1.17 -0.04 -6.36
C GLU A 110 0.90 1.32 -6.96
N VAL A 111 -0.37 1.76 -7.00
CA VAL A 111 -0.70 3.03 -7.66
C VAL A 111 -1.87 3.64 -6.91
N SER A 112 -1.64 4.69 -6.08
CA SER A 112 -2.68 5.21 -5.18
C SER A 112 -3.38 6.33 -5.90
N THR A 113 -4.50 6.89 -5.39
CA THR A 113 -5.28 7.84 -6.18
C THR A 113 -6.24 8.60 -5.33
N ILE A 114 -6.60 9.87 -5.68
CA ILE A 114 -7.54 10.60 -4.83
C ILE A 114 -8.21 11.77 -5.53
N GLY A 115 -7.49 12.69 -6.20
CA GLY A 115 -8.15 13.87 -6.77
C GLY A 115 -7.29 14.51 -7.83
N GLY A 116 -7.21 13.90 -9.03
CA GLY A 116 -6.35 14.44 -10.07
C GLY A 116 -4.88 14.19 -9.78
N VAL A 117 -4.55 13.20 -8.91
CA VAL A 117 -3.15 12.92 -8.57
C VAL A 117 -3.03 11.42 -8.40
N THR A 118 -1.85 10.81 -8.63
CA THR A 118 -1.75 9.36 -8.53
C THR A 118 -0.32 9.01 -8.15
N TYR A 119 -0.09 8.14 -7.14
CA TYR A 119 1.28 7.89 -6.65
C TYR A 119 1.69 6.47 -6.98
N GLU A 120 2.44 6.26 -8.09
CA GLU A 120 2.96 4.92 -8.39
C GLU A 120 4.16 4.60 -7.53
N ARG A 121 4.46 3.31 -7.26
CA ARG A 121 5.66 2.95 -6.49
C ARG A 121 6.19 1.65 -7.05
N VAL A 122 7.36 1.14 -6.58
CA VAL A 122 7.86 -0.13 -7.09
C VAL A 122 8.50 -0.87 -5.93
N SER A 123 7.69 -1.53 -5.07
CA SER A 123 8.28 -2.25 -3.95
C SER A 123 8.93 -3.49 -4.54
N LYS A 124 10.25 -3.50 -4.80
CA LYS A 124 10.86 -4.65 -5.48
C LYS A 124 10.82 -5.86 -4.59
N ARG A 125 11.14 -7.09 -5.07
CA ARG A 125 10.97 -8.31 -4.29
C ARG A 125 12.35 -8.75 -3.86
N LEU A 126 12.80 -8.29 -2.68
CA LEU A 126 14.17 -8.56 -2.23
C LEU A 126 14.23 -8.22 -0.76
N ALA A 127 15.40 -7.85 -0.17
CA ALA A 127 15.46 -7.62 1.27
C ALA A 127 16.59 -6.68 1.59
N ALA A 1 1.39 -15.01 -6.25
CA ALA A 1 0.03 -14.72 -5.84
C ALA A 1 0.05 -13.77 -4.68
N PHE A 2 0.67 -12.58 -4.85
CA PHE A 2 0.75 -11.61 -3.77
C PHE A 2 1.31 -12.29 -2.54
N THR A 3 2.57 -12.75 -2.60
CA THR A 3 3.14 -13.47 -1.45
C THR A 3 4.65 -13.35 -1.53
N GLY A 4 5.30 -12.65 -0.57
CA GLY A 4 6.76 -12.51 -0.63
C GLY A 4 7.24 -11.44 0.31
N LYS A 5 8.43 -10.86 0.04
CA LYS A 5 8.92 -9.73 0.82
C LYS A 5 9.24 -8.65 -0.19
N PHE A 6 9.24 -7.36 0.20
CA PHE A 6 9.52 -6.31 -0.78
C PHE A 6 10.07 -5.07 -0.11
N GLU A 7 10.65 -4.08 -0.83
CA GLU A 7 10.91 -2.80 -0.16
C GLU A 7 10.73 -1.65 -1.13
N MET A 8 10.34 -0.46 -0.61
CA MET A 8 9.90 0.63 -1.46
C MET A 8 11.01 1.64 -1.59
N GLU A 9 11.17 2.32 -2.75
CA GLU A 9 12.28 3.26 -2.89
C GLU A 9 12.10 4.29 -4.01
N SER A 10 11.71 3.93 -5.26
CA SER A 10 11.65 4.97 -6.30
C SER A 10 10.49 5.90 -6.02
N GLU A 11 9.25 5.37 -5.96
CA GLU A 11 8.06 6.23 -5.80
C GLU A 11 7.95 7.23 -6.92
N LYS A 12 6.85 8.03 -7.00
CA LYS A 12 6.68 8.97 -8.11
C LYS A 12 6.01 10.24 -7.62
N ASN A 13 4.66 10.37 -7.60
CA ASN A 13 4.03 11.63 -7.15
C ASN A 13 3.90 11.68 -5.64
N TYR A 14 4.02 10.52 -4.96
CA TYR A 14 4.09 10.45 -3.50
C TYR A 14 3.97 11.73 -2.72
N ASP A 15 4.91 12.70 -2.87
CA ASP A 15 4.88 13.88 -2.01
C ASP A 15 3.52 14.54 -2.05
N GLU A 16 3.02 14.90 -3.26
CA GLU A 16 1.72 15.56 -3.34
C GLU A 16 0.66 14.60 -2.86
N PHE A 17 0.60 13.36 -3.37
CA PHE A 17 -0.42 12.44 -2.87
C PHE A 17 -0.56 12.45 -1.37
N MET A 18 0.58 12.55 -0.65
CA MET A 18 0.54 12.52 0.81
C MET A 18 0.02 13.85 1.29
N LYS A 19 0.38 14.99 0.66
CA LYS A 19 -0.12 16.27 1.12
C LYS A 19 -1.62 16.25 1.22
N LEU A 20 -2.31 15.55 0.29
CA LEU A 20 -3.78 15.54 0.31
C LEU A 20 -4.30 14.56 1.34
N LEU A 21 -3.69 13.36 1.52
CA LEU A 21 -4.11 12.53 2.64
C LEU A 21 -3.99 13.36 3.90
N GLY A 22 -2.91 14.18 3.98
CA GLY A 22 -2.71 15.08 5.12
C GLY A 22 -1.67 14.50 6.04
N ILE A 23 -0.44 14.24 5.53
CA ILE A 23 0.63 13.69 6.35
C ILE A 23 1.60 14.80 6.63
N SER A 24 2.38 14.75 7.74
CA SER A 24 3.26 15.88 8.05
C SER A 24 4.54 15.85 7.25
N SER A 25 5.15 17.02 6.93
CA SER A 25 6.35 17.03 6.09
C SER A 25 7.49 16.28 6.75
N ASP A 26 7.66 16.40 8.08
CA ASP A 26 8.80 15.77 8.74
C ASP A 26 8.76 14.27 8.58
N VAL A 27 7.56 13.64 8.53
CA VAL A 27 7.49 12.19 8.34
C VAL A 27 7.42 11.85 6.86
N ILE A 28 6.81 12.68 5.98
CA ILE A 28 6.83 12.37 4.55
C ILE A 28 8.28 12.19 4.16
N GLU A 29 9.13 13.23 4.29
CA GLU A 29 10.51 13.08 3.83
C GLU A 29 11.12 11.79 4.31
N LYS A 30 10.87 11.38 5.57
CA LYS A 30 11.51 10.17 6.09
C LYS A 30 10.96 8.97 5.37
N ALA A 31 9.62 8.83 5.33
CA ALA A 31 9.01 7.64 4.73
C ALA A 31 9.63 7.29 3.40
N ARG A 32 10.06 8.27 2.56
CA ARG A 32 10.71 7.93 1.29
C ARG A 32 12.22 7.88 1.44
N ASN A 33 12.86 8.72 2.29
CA ASN A 33 14.31 8.64 2.43
C ASN A 33 14.64 7.24 2.88
N PHE A 34 14.05 6.74 3.99
CA PHE A 34 14.32 5.37 4.40
C PHE A 34 13.43 4.48 3.59
N LYS A 35 13.81 3.19 3.41
CA LYS A 35 13.07 2.32 2.51
C LYS A 35 12.03 1.62 3.34
N ILE A 36 10.75 2.09 3.33
CA ILE A 36 9.72 1.38 4.09
C ILE A 36 9.70 -0.02 3.52
N VAL A 37 9.68 -1.06 4.37
CA VAL A 37 9.69 -2.43 3.87
C VAL A 37 8.25 -2.84 3.72
N THR A 38 7.98 -3.76 2.78
CA THR A 38 6.62 -4.23 2.56
C THR A 38 6.70 -5.72 2.43
N GLU A 39 5.81 -6.49 3.09
CA GLU A 39 5.79 -7.94 2.89
C GLU A 39 4.36 -8.36 2.68
N VAL A 40 4.14 -9.56 2.10
CA VAL A 40 2.76 -10.01 1.90
C VAL A 40 2.69 -11.51 2.08
N GLN A 41 1.58 -12.04 2.64
CA GLN A 41 1.36 -13.48 2.65
C GLN A 41 -0.10 -13.69 2.36
N GLN A 42 -0.48 -13.74 1.05
CA GLN A 42 -1.89 -13.90 0.70
C GLN A 42 -2.36 -15.24 1.23
N ASP A 43 -3.66 -15.37 1.58
CA ASP A 43 -4.14 -16.57 2.26
C ASP A 43 -5.55 -16.82 1.80
N GLY A 44 -5.73 -17.20 0.52
CA GLY A 44 -7.08 -17.32 -0.02
C GLY A 44 -7.69 -15.94 -0.15
N GLN A 45 -9.04 -15.89 -0.22
CA GLN A 45 -9.75 -14.61 -0.25
C GLN A 45 -9.22 -13.69 0.84
N ASP A 46 -8.83 -14.21 2.02
CA ASP A 46 -8.21 -13.36 3.03
C ASP A 46 -6.76 -13.07 2.68
N PHE A 47 -6.23 -11.86 3.02
CA PHE A 47 -4.82 -11.56 2.79
C PHE A 47 -4.22 -11.18 4.13
N THR A 48 -2.87 -11.20 4.25
CA THR A 48 -2.22 -10.84 5.51
C THR A 48 -1.06 -9.93 5.11
N TRP A 49 -1.37 -8.69 4.69
CA TRP A 49 -0.31 -7.81 4.18
C TRP A 49 0.40 -7.19 5.35
N SER A 50 1.62 -6.64 5.18
CA SER A 50 2.17 -5.79 6.22
C SER A 50 3.12 -4.77 5.65
N GLN A 51 3.34 -3.62 6.35
CA GLN A 51 4.22 -2.58 5.84
C GLN A 51 5.16 -2.25 6.97
N HIS A 52 6.39 -2.83 7.01
CA HIS A 52 7.26 -2.66 8.17
C HIS A 52 8.03 -1.37 7.97
N TYR A 53 8.04 -0.44 8.94
CA TYR A 53 8.77 0.80 8.71
C TYR A 53 10.24 0.54 9.00
N SER A 54 10.71 0.69 10.26
CA SER A 54 12.14 0.51 10.55
C SER A 54 12.36 0.53 12.05
N GLY A 55 12.07 1.66 12.74
CA GLY A 55 12.28 1.71 14.18
C GLY A 55 11.21 0.90 14.87
N GLY A 56 9.93 1.33 14.78
CA GLY A 56 8.87 0.60 15.48
C GLY A 56 7.50 1.03 15.04
N HIS A 57 7.19 0.87 13.74
CA HIS A 57 5.85 1.20 13.24
C HIS A 57 5.51 0.20 12.16
N THR A 58 5.21 -1.07 12.55
CA THR A 58 4.74 -2.02 11.55
C THR A 58 3.30 -1.66 11.30
N MET A 59 2.99 -0.87 10.25
CA MET A 59 1.60 -0.65 9.90
C MET A 59 1.18 -1.90 9.17
N THR A 60 -0.13 -2.25 9.08
CA THR A 60 -0.50 -3.46 8.36
C THR A 60 -1.79 -3.29 7.58
N ASN A 61 -1.98 -4.07 6.48
CA ASN A 61 -3.19 -3.99 5.67
C ASN A 61 -3.74 -5.39 5.54
N LYS A 62 -4.28 -5.98 6.63
CA LYS A 62 -4.97 -7.25 6.48
C LYS A 62 -6.33 -6.95 5.90
N PHE A 63 -6.91 -7.84 5.09
CA PHE A 63 -8.23 -7.57 4.51
C PHE A 63 -8.77 -8.82 3.86
N THR A 64 -10.06 -8.85 3.46
CA THR A 64 -10.61 -10.00 2.74
C THR A 64 -11.29 -9.46 1.51
N VAL A 65 -11.00 -10.02 0.31
CA VAL A 65 -11.40 -9.36 -0.92
C VAL A 65 -12.82 -9.74 -1.23
N GLY A 66 -13.61 -8.86 -1.88
CA GLY A 66 -15.03 -9.13 -2.06
C GLY A 66 -15.74 -9.23 -0.74
N LYS A 67 -15.20 -8.76 0.40
CA LYS A 67 -15.92 -8.91 1.68
C LYS A 67 -15.79 -7.78 2.68
N GLU A 68 -15.29 -6.57 2.29
CA GLU A 68 -15.16 -5.45 3.21
C GLU A 68 -14.29 -5.69 4.41
N SER A 69 -13.48 -4.69 4.83
CA SER A 69 -12.67 -4.83 6.04
C SER A 69 -12.11 -3.49 6.43
N ASN A 70 -11.73 -3.26 7.71
CA ASN A 70 -11.10 -1.99 8.08
C ASN A 70 -9.66 -2.07 7.64
N ILE A 71 -9.04 -0.96 7.15
CA ILE A 71 -7.67 -1.03 6.64
C ILE A 71 -6.92 0.19 7.11
N GLN A 72 -5.60 0.10 7.42
CA GLN A 72 -4.87 1.23 8.01
C GLN A 72 -4.38 2.19 6.95
N THR A 73 -4.04 1.68 5.74
CA THR A 73 -3.79 2.55 4.59
C THR A 73 -2.43 3.18 4.66
N MET A 74 -2.36 4.42 5.20
CA MET A 74 -1.10 5.14 5.27
C MET A 74 -0.62 5.09 6.71
N GLY A 75 -1.46 5.52 7.68
CA GLY A 75 -1.07 5.41 9.08
C GLY A 75 -2.18 5.86 9.99
N GLY A 76 -2.17 7.14 10.44
CA GLY A 76 -3.28 7.62 11.26
C GLY A 76 -4.52 7.85 10.44
N LYS A 77 -4.44 7.89 9.08
CA LYS A 77 -5.62 8.13 8.26
C LYS A 77 -6.25 6.81 7.88
N THR A 78 -6.66 5.98 8.88
CA THR A 78 -7.31 4.72 8.55
C THR A 78 -8.64 4.96 7.87
N PHE A 79 -9.14 3.99 7.07
CA PHE A 79 -10.51 4.05 6.55
C PHE A 79 -11.01 2.62 6.41
N LYS A 80 -12.31 2.41 6.09
CA LYS A 80 -12.80 1.07 5.77
C LYS A 80 -13.06 1.01 4.28
N ALA A 81 -12.94 -0.18 3.63
CA ALA A 81 -12.99 -0.22 2.16
C ALA A 81 -13.38 -1.59 1.66
N THR A 82 -13.65 -1.74 0.34
CA THR A 82 -13.95 -3.07 -0.21
C THR A 82 -12.81 -3.45 -1.12
N VAL A 83 -11.88 -4.32 -0.66
CA VAL A 83 -10.82 -4.79 -1.55
C VAL A 83 -11.48 -5.74 -2.50
N GLN A 84 -11.04 -5.78 -3.78
CA GLN A 84 -11.49 -6.80 -4.73
C GLN A 84 -10.25 -7.26 -5.45
N MET A 85 -10.37 -8.19 -6.43
CA MET A 85 -9.21 -8.68 -7.16
C MET A 85 -9.49 -8.58 -8.64
N GLU A 86 -8.46 -8.80 -9.49
CA GLU A 86 -8.72 -8.91 -10.92
C GLU A 86 -7.71 -9.82 -11.59
N GLY A 87 -7.61 -11.09 -11.13
CA GLY A 87 -6.74 -12.07 -11.80
C GLY A 87 -5.38 -12.04 -11.16
N GLY A 88 -4.36 -11.42 -11.81
CA GLY A 88 -3.03 -11.31 -11.20
C GLY A 88 -2.82 -9.90 -10.73
N LYS A 89 -3.85 -9.27 -10.11
CA LYS A 89 -3.76 -7.88 -9.72
C LYS A 89 -4.82 -7.58 -8.69
N LEU A 90 -4.62 -6.54 -7.84
CA LEU A 90 -5.48 -6.31 -6.70
C LEU A 90 -6.18 -4.99 -6.83
N VAL A 91 -7.39 -4.83 -6.25
CA VAL A 91 -8.15 -3.60 -6.39
C VAL A 91 -8.68 -3.15 -5.05
N VAL A 92 -8.79 -1.84 -4.77
CA VAL A 92 -9.46 -1.40 -3.54
C VAL A 92 -9.98 0.01 -3.73
N ASN A 93 -11.00 0.40 -2.93
CA ASN A 93 -11.56 1.75 -3.02
C ASN A 93 -12.02 2.15 -1.63
N PHE A 94 -11.54 3.29 -1.10
CA PHE A 94 -11.88 3.72 0.25
C PHE A 94 -12.77 4.93 0.12
N PRO A 95 -13.59 5.40 1.10
CA PRO A 95 -14.29 6.66 0.92
C PRO A 95 -13.35 7.82 1.17
N ASN A 96 -12.26 7.92 0.37
CA ASN A 96 -11.22 8.94 0.59
C ASN A 96 -10.30 8.94 -0.60
N TYR A 97 -9.54 7.84 -0.82
CA TYR A 97 -8.63 7.67 -1.94
C TYR A 97 -8.97 6.37 -2.63
N HIS A 98 -8.20 5.92 -3.65
CA HIS A 98 -8.43 4.62 -4.31
C HIS A 98 -7.08 4.03 -4.59
N GLN A 99 -6.94 2.69 -4.72
CA GLN A 99 -5.62 2.11 -4.99
C GLN A 99 -5.78 0.76 -5.65
N THR A 100 -4.74 0.30 -6.38
CA THR A 100 -4.82 -0.98 -7.10
C THR A 100 -3.43 -1.57 -7.05
N SER A 101 -3.17 -2.58 -6.18
CA SER A 101 -1.82 -3.12 -6.10
C SER A 101 -1.64 -4.08 -7.24
N GLU A 102 -0.39 -4.47 -7.59
CA GLU A 102 -0.18 -5.22 -8.83
C GLU A 102 1.14 -5.96 -8.77
N ILE A 103 1.15 -7.32 -8.72
CA ILE A 103 2.41 -8.05 -8.75
C ILE A 103 2.88 -8.15 -10.18
N VAL A 104 4.22 -8.19 -10.42
CA VAL A 104 4.75 -8.22 -11.77
C VAL A 104 5.89 -9.24 -11.78
N GLY A 105 5.55 -10.55 -11.79
CA GLY A 105 6.59 -11.58 -11.84
C GLY A 105 7.26 -11.69 -10.49
N ASP A 106 8.29 -10.86 -10.21
CA ASP A 106 9.00 -10.92 -8.93
C ASP A 106 9.22 -9.50 -8.48
N LYS A 107 8.10 -8.75 -8.31
CA LYS A 107 8.18 -7.32 -8.03
C LYS A 107 6.79 -6.87 -7.65
N LEU A 108 6.61 -6.02 -6.62
CA LEU A 108 5.28 -5.51 -6.27
C LEU A 108 5.24 -4.09 -6.78
N VAL A 109 4.14 -3.65 -7.45
CA VAL A 109 4.03 -2.26 -7.86
C VAL A 109 2.62 -1.83 -7.55
N GLU A 110 2.34 -0.51 -7.46
CA GLU A 110 1.01 -0.07 -7.05
C GLU A 110 0.68 1.25 -7.70
N VAL A 111 -0.58 1.74 -7.58
CA VAL A 111 -0.93 3.05 -8.13
C VAL A 111 -2.06 3.63 -7.30
N SER A 112 -1.82 4.70 -6.50
CA SER A 112 -2.85 5.26 -5.63
C SER A 112 -3.76 6.15 -6.44
N THR A 113 -4.79 6.78 -5.83
CA THR A 113 -5.58 7.77 -6.54
C THR A 113 -6.42 8.59 -5.60
N ILE A 114 -6.70 9.88 -5.88
CA ILE A 114 -7.52 10.68 -4.97
C ILE A 114 -8.18 11.82 -5.71
N GLY A 115 -9.11 11.48 -6.62
CA GLY A 115 -9.85 12.49 -7.36
C GLY A 115 -8.95 13.46 -8.09
N GLY A 116 -7.74 13.05 -8.53
CA GLY A 116 -6.90 13.97 -9.30
C GLY A 116 -5.44 13.57 -9.25
N VAL A 117 -4.89 13.41 -8.03
CA VAL A 117 -3.47 13.05 -7.90
C VAL A 117 -3.37 11.54 -7.90
N THR A 118 -2.20 10.99 -8.28
CA THR A 118 -2.02 9.53 -8.35
C THR A 118 -0.59 9.26 -7.95
N TYR A 119 -0.27 8.15 -7.25
CA TYR A 119 1.10 7.91 -6.79
C TYR A 119 1.51 6.49 -7.12
N GLU A 120 2.39 6.29 -8.14
CA GLU A 120 2.85 4.96 -8.52
C GLU A 120 4.09 4.56 -7.75
N ARG A 121 4.44 3.26 -7.69
CA ARG A 121 5.66 2.87 -6.98
C ARG A 121 6.11 1.52 -7.44
N VAL A 122 7.29 1.04 -7.00
CA VAL A 122 7.83 -0.22 -7.51
C VAL A 122 8.56 -0.87 -6.36
N SER A 123 7.83 -1.57 -5.45
CA SER A 123 8.52 -2.22 -4.35
C SER A 123 9.14 -3.49 -4.87
N LYS A 124 10.50 -3.58 -5.01
CA LYS A 124 11.10 -4.78 -5.60
C LYS A 124 11.01 -5.93 -4.64
N ARG A 125 11.33 -7.18 -5.07
CA ARG A 125 11.08 -8.38 -4.28
C ARG A 125 12.39 -8.86 -3.71
N LEU A 126 12.81 -8.26 -2.58
CA LEU A 126 14.10 -8.55 -1.97
C LEU A 126 14.05 -8.02 -0.55
N ALA A 127 15.18 -7.70 0.10
CA ALA A 127 15.11 -7.18 1.47
C ALA A 127 14.41 -8.18 2.36
N ALA A 1 -0.38 -16.08 -5.28
CA ALA A 1 0.12 -14.77 -5.69
C ALA A 1 0.15 -13.83 -4.51
N PHE A 2 0.78 -12.65 -4.65
CA PHE A 2 0.82 -11.67 -3.55
C PHE A 2 1.46 -12.32 -2.36
N THR A 3 2.77 -12.62 -2.43
CA THR A 3 3.41 -13.33 -1.32
C THR A 3 4.91 -13.07 -1.39
N GLY A 4 5.53 -12.40 -0.39
CA GLY A 4 6.98 -12.21 -0.45
C GLY A 4 7.42 -11.04 0.40
N LYS A 5 8.72 -10.67 0.33
CA LYS A 5 9.22 -9.49 1.00
C LYS A 5 9.57 -8.47 -0.06
N PHE A 6 9.32 -7.17 0.17
CA PHE A 6 9.51 -6.17 -0.89
C PHE A 6 9.95 -4.86 -0.30
N GLU A 7 10.40 -3.87 -1.11
CA GLU A 7 10.71 -2.54 -0.58
C GLU A 7 10.59 -1.48 -1.66
N MET A 8 10.13 -0.25 -1.34
CA MET A 8 9.85 0.76 -2.38
C MET A 8 11.14 1.26 -2.96
N GLU A 9 11.67 0.53 -3.97
CA GLU A 9 12.93 0.95 -4.58
C GLU A 9 12.82 2.39 -5.04
N SER A 10 11.70 2.74 -5.72
CA SER A 10 11.56 4.07 -6.31
C SER A 10 10.11 4.51 -6.26
N GLU A 11 9.84 5.83 -6.37
CA GLU A 11 8.47 6.34 -6.32
C GLU A 11 8.24 7.27 -7.49
N LYS A 12 6.96 7.60 -7.82
CA LYS A 12 6.68 8.48 -8.95
C LYS A 12 5.95 9.73 -8.50
N ASN A 13 4.75 9.61 -7.88
CA ASN A 13 3.96 10.79 -7.49
C ASN A 13 3.68 10.71 -6.00
N TYR A 14 4.71 10.35 -5.23
CA TYR A 14 4.59 10.21 -3.77
C TYR A 14 4.35 11.52 -3.06
N ASP A 15 5.10 12.59 -3.35
CA ASP A 15 5.02 13.78 -2.52
C ASP A 15 3.64 14.38 -2.56
N GLU A 16 3.18 14.90 -3.72
CA GLU A 16 1.88 15.55 -3.78
C GLU A 16 0.83 14.62 -3.20
N PHE A 17 0.87 13.29 -3.46
CA PHE A 17 -0.13 12.42 -2.88
C PHE A 17 -0.21 12.60 -1.37
N MET A 18 0.94 12.58 -0.67
CA MET A 18 0.91 12.81 0.78
C MET A 18 0.32 14.17 1.05
N LYS A 19 0.71 15.19 0.24
CA LYS A 19 0.27 16.55 0.49
C LYS A 19 -1.25 16.62 0.46
N LEU A 20 -1.93 15.92 -0.48
CA LEU A 20 -3.39 15.97 -0.52
C LEU A 20 -3.93 15.01 0.53
N LEU A 21 -3.46 13.75 0.52
CA LEU A 21 -3.91 12.75 1.50
C LEU A 21 -4.01 13.38 2.87
N GLY A 22 -3.02 14.24 3.24
CA GLY A 22 -3.11 15.02 4.47
C GLY A 22 -2.18 14.47 5.51
N ILE A 23 -0.85 14.54 5.26
CA ILE A 23 0.14 13.94 6.15
C ILE A 23 1.09 15.01 6.63
N SER A 24 1.82 14.82 7.75
CA SER A 24 2.60 15.92 8.32
C SER A 24 3.95 16.07 7.66
N SER A 25 4.36 17.30 7.26
CA SER A 25 5.64 17.46 6.56
C SER A 25 6.78 16.73 7.24
N ASP A 26 6.80 16.68 8.59
CA ASP A 26 7.90 15.98 9.25
C ASP A 26 7.97 14.55 8.77
N VAL A 27 6.82 13.83 8.81
CA VAL A 27 6.85 12.42 8.44
C VAL A 27 6.86 12.27 6.94
N ILE A 28 6.34 13.24 6.15
CA ILE A 28 6.43 13.10 4.69
C ILE A 28 7.89 13.02 4.36
N GLU A 29 8.72 14.00 4.79
CA GLU A 29 10.12 13.98 4.39
C GLU A 29 10.79 12.69 4.82
N LYS A 30 10.41 12.10 5.97
CA LYS A 30 11.01 10.82 6.35
C LYS A 30 10.45 9.79 5.40
N ALA A 31 9.15 9.47 5.45
CA ALA A 31 8.59 8.46 4.56
C ALA A 31 9.11 8.58 3.14
N ARG A 32 9.45 9.80 2.66
CA ARG A 32 10.03 9.92 1.32
C ARG A 32 11.42 9.32 1.31
N ASN A 33 12.37 9.87 2.12
CA ASN A 33 13.75 9.40 2.06
C ASN A 33 13.83 8.08 2.79
N PHE A 34 13.29 8.02 4.03
CA PHE A 34 13.24 6.76 4.76
C PHE A 34 12.56 5.77 3.85
N LYS A 35 13.26 4.71 3.37
CA LYS A 35 12.61 3.79 2.45
C LYS A 35 11.72 2.91 3.29
N ILE A 36 10.48 2.61 2.84
CA ILE A 36 9.56 1.80 3.65
C ILE A 36 9.58 0.40 3.10
N VAL A 37 9.38 -0.63 3.97
CA VAL A 37 9.45 -2.02 3.54
C VAL A 37 8.04 -2.53 3.46
N THR A 38 7.82 -3.58 2.63
CA THR A 38 6.49 -4.18 2.51
C THR A 38 6.64 -5.67 2.52
N GLU A 39 5.85 -6.40 3.34
CA GLU A 39 5.87 -7.86 3.34
C GLU A 39 4.45 -8.32 3.09
N VAL A 40 4.23 -9.48 2.43
CA VAL A 40 2.86 -9.95 2.19
C VAL A 40 2.80 -11.45 2.35
N GLN A 41 1.70 -12.00 2.94
CA GLN A 41 1.51 -13.45 2.93
C GLN A 41 0.03 -13.69 2.66
N GLN A 42 -0.37 -13.64 1.38
CA GLN A 42 -1.78 -13.84 1.00
C GLN A 42 -2.21 -15.24 1.38
N ASP A 43 -3.48 -15.46 1.79
CA ASP A 43 -3.92 -16.76 2.30
C ASP A 43 -4.92 -17.41 1.37
N GLY A 44 -6.10 -16.79 1.11
CA GLY A 44 -7.06 -17.41 0.19
C GLY A 44 -8.37 -16.66 0.21
N GLN A 45 -8.35 -15.42 -0.34
CA GLN A 45 -9.46 -14.47 -0.24
C GLN A 45 -9.10 -13.58 0.93
N ASP A 46 -8.75 -14.17 2.09
CA ASP A 46 -8.21 -13.36 3.19
C ASP A 46 -6.76 -13.07 2.87
N PHE A 47 -6.21 -11.93 3.39
CA PHE A 47 -4.81 -11.60 3.18
C PHE A 47 -4.19 -11.31 4.52
N THR A 48 -2.84 -11.31 4.59
CA THR A 48 -2.15 -10.96 5.83
C THR A 48 -1.05 -10.02 5.42
N TRP A 49 -1.43 -8.82 4.91
CA TRP A 49 -0.41 -7.90 4.38
C TRP A 49 0.39 -7.41 5.54
N SER A 50 1.58 -6.81 5.29
CA SER A 50 2.21 -6.01 6.33
C SER A 50 3.12 -4.99 5.70
N GLN A 51 3.45 -3.91 6.43
CA GLN A 51 4.44 -2.98 5.90
C GLN A 51 5.12 -2.32 7.09
N HIS A 52 6.45 -2.01 7.02
CA HIS A 52 7.21 -1.78 8.24
C HIS A 52 7.93 -0.45 8.19
N TYR A 53 7.98 0.32 9.30
CA TYR A 53 8.66 1.60 9.26
C TYR A 53 9.02 2.14 10.63
N SER A 54 9.89 3.19 10.68
CA SER A 54 10.32 3.75 11.96
C SER A 54 10.86 2.70 12.88
N GLY A 55 11.65 1.73 12.34
CA GLY A 55 12.30 0.71 13.17
C GLY A 55 11.46 0.30 14.36
N GLY A 56 10.17 -0.05 14.14
CA GLY A 56 9.31 -0.40 15.27
C GLY A 56 7.85 -0.30 14.89
N HIS A 57 7.43 0.85 14.30
CA HIS A 57 6.04 0.96 13.85
C HIS A 57 5.86 -0.04 12.73
N THR A 58 5.41 -1.28 13.04
CA THR A 58 5.02 -2.19 11.98
C THR A 58 3.54 -1.99 11.81
N MET A 59 3.09 -1.30 10.74
CA MET A 59 1.66 -1.24 10.47
C MET A 59 1.30 -2.54 9.79
N THR A 60 0.03 -2.97 9.81
CA THR A 60 -0.36 -4.14 9.03
C THR A 60 -1.68 -3.91 8.35
N ASN A 61 -1.97 -4.59 7.22
CA ASN A 61 -3.23 -4.39 6.51
C ASN A 61 -3.79 -5.74 6.14
N LYS A 62 -4.29 -6.51 7.13
CA LYS A 62 -5.01 -7.74 6.78
C LYS A 62 -6.32 -7.32 6.15
N PHE A 63 -6.88 -8.11 5.23
CA PHE A 63 -8.17 -7.76 4.63
C PHE A 63 -8.76 -8.95 3.91
N THR A 64 -10.08 -8.92 3.58
CA THR A 64 -10.68 -10.00 2.80
C THR A 64 -11.21 -9.38 1.52
N VAL A 65 -10.95 -10.00 0.34
CA VAL A 65 -11.27 -9.37 -0.93
C VAL A 65 -12.67 -9.81 -1.30
N GLY A 66 -13.46 -8.94 -1.96
CA GLY A 66 -14.86 -9.28 -2.19
C GLY A 66 -15.62 -9.24 -0.89
N LYS A 67 -15.11 -8.56 0.17
CA LYS A 67 -15.84 -8.49 1.44
C LYS A 67 -15.70 -7.12 2.07
N GLU A 68 -14.47 -6.70 2.47
CA GLU A 68 -14.18 -5.39 3.06
C GLU A 68 -13.63 -5.61 4.45
N SER A 69 -12.89 -4.62 5.00
CA SER A 69 -12.39 -4.74 6.37
C SER A 69 -12.11 -3.36 6.93
N ASN A 70 -11.93 -3.22 8.26
CA ASN A 70 -11.55 -1.92 8.82
C ASN A 70 -10.08 -1.75 8.54
N ILE A 71 -9.70 -1.25 7.34
CA ILE A 71 -8.29 -1.19 6.95
C ILE A 71 -7.72 0.08 7.53
N GLN A 72 -6.52 0.03 8.18
CA GLN A 72 -6.00 1.18 8.91
C GLN A 72 -5.21 2.11 8.04
N THR A 73 -4.72 1.70 6.85
CA THR A 73 -4.15 2.66 5.87
C THR A 73 -2.95 3.39 6.42
N MET A 74 -2.26 4.19 5.56
CA MET A 74 -1.05 4.94 5.92
C MET A 74 -0.57 4.76 7.35
N GLY A 75 -1.37 5.16 8.36
CA GLY A 75 -0.94 4.99 9.75
C GLY A 75 -1.94 5.64 10.68
N GLY A 76 -1.81 6.97 10.91
CA GLY A 76 -2.82 7.66 11.72
C GLY A 76 -4.14 7.67 11.01
N LYS A 77 -4.15 7.75 9.66
CA LYS A 77 -5.41 7.70 8.92
C LYS A 77 -6.06 6.35 9.16
N THR A 78 -7.37 6.18 8.87
CA THR A 78 -8.02 4.87 9.03
C THR A 78 -9.39 4.89 8.42
N PHE A 79 -9.90 3.75 7.90
CA PHE A 79 -11.23 3.72 7.29
C PHE A 79 -11.72 2.30 7.13
N LYS A 80 -12.97 2.11 6.64
CA LYS A 80 -13.43 0.79 6.23
C LYS A 80 -13.50 0.83 4.73
N ALA A 81 -13.09 -0.23 3.99
CA ALA A 81 -12.81 -0.09 2.55
C ALA A 81 -12.95 -1.41 1.85
N THR A 82 -13.46 -1.46 0.59
CA THR A 82 -13.76 -2.73 -0.04
C THR A 82 -12.62 -3.20 -0.90
N VAL A 83 -11.84 -4.24 -0.48
CA VAL A 83 -10.78 -4.75 -1.35
C VAL A 83 -11.44 -5.72 -2.31
N GLN A 84 -10.95 -5.81 -3.57
CA GLN A 84 -11.43 -6.79 -4.52
C GLN A 84 -10.23 -7.28 -5.30
N MET A 85 -10.40 -8.07 -6.37
CA MET A 85 -9.26 -8.64 -7.08
C MET A 85 -9.54 -8.70 -8.57
N GLU A 86 -8.50 -8.58 -9.43
CA GLU A 86 -8.66 -8.80 -10.87
C GLU A 86 -7.60 -9.79 -11.30
N GLY A 87 -7.79 -11.09 -10.99
CA GLY A 87 -6.81 -12.09 -11.42
C GLY A 87 -5.50 -11.86 -10.70
N GLY A 88 -4.42 -11.44 -11.41
CA GLY A 88 -3.13 -11.18 -10.75
C GLY A 88 -2.97 -9.72 -10.44
N LYS A 89 -4.06 -9.01 -10.06
CA LYS A 89 -3.97 -7.60 -9.70
C LYS A 89 -4.95 -7.35 -8.58
N LEU A 90 -4.73 -6.35 -7.69
CA LEU A 90 -5.61 -6.17 -6.54
C LEU A 90 -6.30 -4.82 -6.62
N VAL A 91 -7.51 -4.68 -6.03
CA VAL A 91 -8.24 -3.43 -6.10
C VAL A 91 -8.70 -3.00 -4.73
N VAL A 92 -8.77 -1.70 -4.40
CA VAL A 92 -9.43 -1.27 -3.18
C VAL A 92 -9.91 0.15 -3.31
N ASN A 93 -10.92 0.54 -2.49
CA ASN A 93 -11.39 1.92 -2.50
C ASN A 93 -11.74 2.31 -1.08
N PHE A 94 -11.22 3.45 -0.57
CA PHE A 94 -11.59 3.94 0.76
C PHE A 94 -12.54 5.08 0.51
N PRO A 95 -13.40 5.56 1.43
CA PRO A 95 -14.19 6.77 1.13
C PRO A 95 -13.32 8.01 1.24
N ASN A 96 -12.17 8.08 0.52
CA ASN A 96 -11.23 9.20 0.66
C ASN A 96 -10.23 9.11 -0.49
N TYR A 97 -9.30 8.13 -0.46
CA TYR A 97 -8.38 7.87 -1.57
C TYR A 97 -8.77 6.55 -2.20
N HIS A 98 -8.09 6.11 -3.28
CA HIS A 98 -8.34 4.81 -3.90
C HIS A 98 -7.00 4.18 -4.18
N GLN A 99 -6.90 2.84 -4.31
CA GLN A 99 -5.59 2.24 -4.57
C GLN A 99 -5.79 0.92 -5.28
N THR A 100 -4.80 0.47 -6.09
CA THR A 100 -4.91 -0.82 -6.78
C THR A 100 -3.54 -1.46 -6.68
N SER A 101 -3.34 -2.47 -5.79
CA SER A 101 -2.02 -3.07 -5.66
C SER A 101 -1.84 -4.00 -6.84
N GLU A 102 -0.61 -4.45 -7.17
CA GLU A 102 -0.43 -5.25 -8.37
C GLU A 102 0.83 -6.08 -8.32
N ILE A 103 0.78 -7.40 -8.60
CA ILE A 103 2.00 -8.21 -8.67
C ILE A 103 2.36 -8.38 -10.13
N VAL A 104 3.66 -8.47 -10.47
CA VAL A 104 4.08 -8.59 -11.87
C VAL A 104 5.21 -9.59 -11.94
N GLY A 105 4.89 -10.91 -11.87
CA GLY A 105 5.93 -11.92 -11.98
C GLY A 105 6.75 -11.98 -10.71
N ASP A 106 7.71 -11.04 -10.54
CA ASP A 106 8.56 -11.05 -9.34
C ASP A 106 8.73 -9.63 -8.88
N LYS A 107 7.60 -8.96 -8.56
CA LYS A 107 7.63 -7.54 -8.22
C LYS A 107 6.28 -7.15 -7.67
N LEU A 108 6.21 -6.25 -6.66
CA LEU A 108 4.93 -5.73 -6.21
C LEU A 108 4.94 -4.29 -6.63
N VAL A 109 3.82 -3.74 -7.17
CA VAL A 109 3.77 -2.35 -7.56
C VAL A 109 2.41 -1.88 -7.15
N GLU A 110 2.24 -0.58 -6.80
CA GLU A 110 0.94 -0.11 -6.34
C GLU A 110 0.67 1.22 -6.96
N VAL A 111 -0.59 1.73 -6.93
CA VAL A 111 -0.88 3.02 -7.54
C VAL A 111 -1.99 3.66 -6.74
N SER A 112 -1.66 4.60 -5.81
CA SER A 112 -2.67 5.22 -4.95
C SER A 112 -3.44 6.22 -5.77
N THR A 113 -4.49 6.88 -5.23
CA THR A 113 -5.26 7.81 -6.06
C THR A 113 -6.14 8.68 -5.20
N ILE A 114 -6.37 9.97 -5.53
CA ILE A 114 -7.20 10.80 -4.67
C ILE A 114 -7.83 11.95 -5.44
N GLY A 115 -8.71 11.58 -6.39
CA GLY A 115 -9.45 12.58 -7.16
C GLY A 115 -8.55 13.66 -7.72
N GLY A 116 -7.39 13.29 -8.30
CA GLY A 116 -6.51 14.29 -8.89
C GLY A 116 -5.06 13.85 -8.92
N VAL A 117 -4.55 13.28 -7.80
CA VAL A 117 -3.13 12.93 -7.71
C VAL A 117 -3.00 11.45 -7.49
N THR A 118 -1.82 10.88 -7.82
CA THR A 118 -1.60 9.43 -7.75
C THR A 118 -0.31 9.18 -6.99
N TYR A 119 0.03 7.92 -6.63
CA TYR A 119 1.38 7.62 -6.14
C TYR A 119 1.77 6.24 -6.64
N GLU A 120 2.44 6.13 -7.81
CA GLU A 120 2.86 4.81 -8.30
C GLU A 120 4.17 4.40 -7.67
N ARG A 121 4.44 3.07 -7.52
CA ARG A 121 5.64 2.63 -6.82
C ARG A 121 6.05 1.28 -7.36
N VAL A 122 7.27 0.79 -6.99
CA VAL A 122 7.72 -0.51 -7.46
C VAL A 122 8.32 -1.22 -6.27
N SER A 123 7.48 -1.78 -5.39
CA SER A 123 8.01 -2.50 -4.24
C SER A 123 8.61 -3.76 -4.84
N LYS A 124 9.90 -3.75 -5.23
CA LYS A 124 10.45 -4.92 -5.94
C LYS A 124 10.55 -6.06 -4.96
N ARG A 125 10.87 -7.31 -5.37
CA ARG A 125 10.82 -8.46 -4.45
C ARG A 125 12.25 -8.83 -4.15
N LEU A 126 12.77 -8.50 -2.94
CA LEU A 126 14.19 -8.61 -2.64
C LEU A 126 14.34 -8.28 -1.16
N ALA A 127 15.52 -7.81 -0.67
CA ALA A 127 15.64 -7.43 0.73
C ALA A 127 15.08 -8.50 1.64
N ALA A 1 2.78 -13.94 -7.89
CA ALA A 1 1.49 -13.69 -7.25
C ALA A 1 1.67 -12.88 -6.00
N PHE A 2 0.57 -12.35 -5.41
CA PHE A 2 0.66 -11.57 -4.18
C PHE A 2 1.20 -12.40 -3.04
N THR A 3 2.52 -12.67 -3.01
CA THR A 3 3.10 -13.44 -1.91
C THR A 3 4.60 -13.26 -1.98
N GLY A 4 5.25 -12.61 -0.99
CA GLY A 4 6.70 -12.44 -1.06
C GLY A 4 7.16 -11.30 -0.21
N LYS A 5 8.49 -11.12 -0.07
CA LYS A 5 9.02 -9.96 0.65
C LYS A 5 9.19 -8.83 -0.32
N PHE A 6 9.26 -7.56 0.13
CA PHE A 6 9.49 -6.45 -0.79
C PHE A 6 9.99 -5.24 -0.05
N GLU A 7 10.44 -4.15 -0.72
CA GLU A 7 10.66 -2.90 0.01
C GLU A 7 10.52 -1.69 -0.88
N MET A 8 10.05 -0.54 -0.33
CA MET A 8 9.82 0.64 -1.16
C MET A 8 11.17 1.08 -1.68
N GLU A 9 11.28 1.62 -2.92
CA GLU A 9 12.57 2.11 -3.39
C GLU A 9 12.36 3.22 -4.40
N SER A 10 11.67 2.97 -5.54
CA SER A 10 11.32 4.07 -6.43
C SER A 10 9.99 4.63 -5.94
N GLU A 11 9.65 5.87 -6.35
CA GLU A 11 8.48 6.56 -5.81
C GLU A 11 8.26 7.80 -6.65
N LYS A 12 7.01 8.27 -6.89
CA LYS A 12 6.83 9.47 -7.70
C LYS A 12 5.47 10.10 -7.44
N ASN A 13 5.27 11.40 -7.74
CA ASN A 13 3.97 12.02 -7.46
C ASN A 13 3.50 11.76 -6.05
N TYR A 14 4.42 11.52 -5.08
CA TYR A 14 4.03 11.11 -3.75
C TYR A 14 3.82 12.33 -2.87
N ASP A 15 4.70 13.35 -2.95
CA ASP A 15 4.57 14.52 -2.08
C ASP A 15 3.17 15.08 -2.19
N GLU A 16 2.74 15.44 -3.42
CA GLU A 16 1.41 16.03 -3.56
C GLU A 16 0.37 15.02 -3.12
N PHE A 17 0.42 13.76 -3.58
CA PHE A 17 -0.56 12.79 -3.10
C PHE A 17 -0.71 12.86 -1.59
N MET A 18 0.41 13.06 -0.87
CA MET A 18 0.35 13.06 0.59
C MET A 18 -0.18 14.39 1.08
N LYS A 19 0.12 15.52 0.41
CA LYS A 19 -0.45 16.79 0.85
C LYS A 19 -1.96 16.74 0.69
N LEU A 20 -2.50 16.13 -0.40
CA LEU A 20 -3.94 15.97 -0.53
C LEU A 20 -4.41 14.99 0.52
N LEU A 21 -3.77 13.81 0.62
CA LEU A 21 -4.24 12.73 1.50
C LEU A 21 -4.41 13.25 2.92
N GLY A 22 -3.47 14.10 3.41
CA GLY A 22 -3.58 14.66 4.75
C GLY A 22 -2.54 14.00 5.62
N ILE A 23 -1.24 14.36 5.44
CA ILE A 23 -0.15 13.70 6.15
C ILE A 23 0.79 14.75 6.70
N SER A 24 1.62 14.43 7.73
CA SER A 24 2.44 15.46 8.38
C SER A 24 3.80 15.57 7.73
N SER A 25 4.33 16.81 7.57
CA SER A 25 5.55 17.00 6.78
C SER A 25 6.70 16.10 7.16
N ASP A 26 6.89 15.78 8.46
CA ASP A 26 8.06 14.98 8.83
C ASP A 26 7.96 13.64 8.14
N VAL A 27 6.78 12.98 8.20
CA VAL A 27 6.64 11.67 7.58
C VAL A 27 6.53 11.78 6.07
N ILE A 28 6.11 12.94 5.48
CA ILE A 28 6.19 13.06 4.02
C ILE A 28 7.66 12.99 3.65
N GLU A 29 8.50 13.88 4.21
CA GLU A 29 9.92 13.86 3.85
C GLU A 29 10.52 12.51 4.15
N LYS A 30 10.05 11.81 5.21
CA LYS A 30 10.65 10.53 5.56
C LYS A 30 10.37 9.55 4.44
N ALA A 31 9.09 9.41 4.03
CA ALA A 31 8.71 8.48 2.97
C ALA A 31 9.74 8.44 1.86
N ARG A 32 10.22 9.64 1.43
CA ARG A 32 11.20 9.68 0.35
C ARG A 32 12.50 9.08 0.81
N ASN A 33 13.02 9.49 2.00
CA ASN A 33 14.27 8.89 2.50
C ASN A 33 13.96 7.71 3.39
N PHE A 34 13.06 6.78 2.96
CA PHE A 34 12.71 5.63 3.79
C PHE A 34 12.30 4.46 2.93
N LYS A 35 13.04 3.33 2.96
CA LYS A 35 12.62 2.16 2.21
C LYS A 35 11.70 1.35 3.08
N ILE A 36 10.43 1.80 3.26
CA ILE A 36 9.44 1.03 4.03
C ILE A 36 9.55 -0.41 3.59
N VAL A 37 9.69 -1.40 4.49
CA VAL A 37 9.77 -2.79 4.03
C VAL A 37 8.36 -3.25 3.90
N THR A 38 8.11 -4.25 3.03
CA THR A 38 6.75 -4.71 2.80
C THR A 38 6.78 -6.20 2.61
N GLU A 39 5.84 -6.94 3.22
CA GLU A 39 5.82 -8.39 3.10
C GLU A 39 4.39 -8.79 2.87
N VAL A 40 4.13 -9.86 2.07
CA VAL A 40 2.75 -10.24 1.77
C VAL A 40 2.63 -11.74 1.79
N GLN A 41 1.45 -12.28 2.20
CA GLN A 41 1.20 -13.70 2.03
C GLN A 41 -0.27 -13.84 1.71
N GLN A 42 -0.65 -13.88 0.41
CA GLN A 42 -2.07 -14.01 0.07
C GLN A 42 -2.54 -15.34 0.60
N ASP A 43 -3.82 -15.45 1.02
CA ASP A 43 -4.29 -16.65 1.73
C ASP A 43 -5.70 -16.89 1.29
N GLY A 44 -5.90 -17.24 0.00
CA GLY A 44 -7.26 -17.35 -0.51
C GLY A 44 -7.86 -15.97 -0.60
N GLN A 45 -9.21 -15.90 -0.63
CA GLN A 45 -9.91 -14.61 -0.60
C GLN A 45 -9.38 -13.77 0.53
N ASP A 46 -8.98 -14.36 1.69
CA ASP A 46 -8.36 -13.55 2.74
C ASP A 46 -6.91 -13.27 2.41
N PHE A 47 -6.35 -12.13 2.89
CA PHE A 47 -4.93 -11.83 2.72
C PHE A 47 -4.36 -11.51 4.10
N THR A 48 -3.01 -11.52 4.24
CA THR A 48 -2.38 -11.05 5.47
C THR A 48 -1.18 -10.22 5.01
N TRP A 49 -1.43 -8.93 4.69
CA TRP A 49 -0.37 -8.08 4.13
C TRP A 49 0.43 -7.51 5.26
N SER A 50 1.62 -6.90 4.99
CA SER A 50 2.27 -6.10 6.02
C SER A 50 3.15 -5.02 5.42
N GLN A 51 3.38 -3.90 6.15
CA GLN A 51 4.18 -2.80 5.62
C GLN A 51 5.13 -2.42 6.74
N HIS A 52 6.28 -3.12 6.87
CA HIS A 52 7.10 -2.98 8.06
C HIS A 52 7.94 -1.72 8.00
N TYR A 53 8.28 -1.16 9.18
CA TYR A 53 9.10 0.05 9.22
C TYR A 53 10.52 -0.38 9.47
N SER A 54 10.83 -0.89 10.70
CA SER A 54 12.19 -1.35 10.99
C SER A 54 12.15 -2.26 12.18
N GLY A 55 11.30 -3.33 12.13
CA GLY A 55 11.17 -4.20 13.29
C GLY A 55 10.65 -3.40 14.47
N GLY A 56 9.53 -2.67 14.29
CA GLY A 56 8.99 -1.86 15.39
C GLY A 56 7.62 -1.33 15.04
N HIS A 57 7.54 -0.25 14.24
CA HIS A 57 6.24 0.20 13.73
C HIS A 57 5.92 -0.74 12.59
N THR A 58 5.49 -1.99 12.90
CA THR A 58 5.02 -2.86 11.84
C THR A 58 3.59 -2.43 11.58
N MET A 59 3.34 -1.69 10.48
CA MET A 59 1.97 -1.36 10.10
C MET A 59 1.46 -2.58 9.37
N THR A 60 0.16 -2.92 9.38
CA THR A 60 -0.28 -4.11 8.64
C THR A 60 -1.68 -3.95 8.07
N ASN A 61 -1.97 -4.63 6.93
CA ASN A 61 -3.25 -4.49 6.25
C ASN A 61 -3.79 -5.87 5.91
N LYS A 62 -4.31 -6.61 6.91
CA LYS A 62 -5.03 -7.84 6.59
C LYS A 62 -6.38 -7.43 6.03
N PHE A 63 -6.97 -8.22 5.13
CA PHE A 63 -8.28 -7.86 4.56
C PHE A 63 -8.84 -9.06 3.82
N THR A 64 -10.13 -9.02 3.41
CA THR A 64 -10.70 -10.11 2.63
C THR A 64 -11.35 -9.50 1.41
N VAL A 65 -11.10 -10.04 0.19
CA VAL A 65 -11.45 -9.33 -1.02
C VAL A 65 -12.85 -9.70 -1.43
N GLY A 66 -13.61 -8.77 -2.06
CA GLY A 66 -15.01 -9.05 -2.33
C GLY A 66 -15.81 -9.12 -1.05
N LYS A 67 -15.28 -8.74 0.14
CA LYS A 67 -16.03 -8.90 1.38
C LYS A 67 -15.97 -7.75 2.36
N GLU A 68 -15.26 -6.63 2.07
CA GLU A 68 -15.14 -5.52 3.01
C GLU A 68 -14.44 -5.88 4.30
N SER A 69 -13.56 -4.98 4.81
CA SER A 69 -12.88 -5.23 6.09
C SER A 69 -12.26 -3.94 6.57
N ASN A 70 -11.98 -3.76 7.88
CA ASN A 70 -11.35 -2.52 8.32
C ASN A 70 -9.90 -2.56 7.91
N ILE A 71 -9.28 -1.43 7.51
CA ILE A 71 -7.89 -1.41 7.08
C ILE A 71 -7.25 -0.16 7.64
N GLN A 72 -5.96 -0.17 8.05
CA GLN A 72 -5.39 1.00 8.73
C GLN A 72 -4.80 1.98 7.75
N THR A 73 -4.24 1.52 6.61
CA THR A 73 -3.79 2.43 5.55
C THR A 73 -2.51 3.13 5.94
N MET A 74 -1.84 3.77 4.97
CA MET A 74 -0.66 4.56 5.31
C MET A 74 -1.09 5.76 6.13
N GLY A 75 -2.29 6.33 5.91
CA GLY A 75 -2.72 7.43 6.76
C GLY A 75 -2.84 6.93 8.17
N GLY A 76 -2.83 7.88 9.13
CA GLY A 76 -2.88 7.51 10.54
C GLY A 76 -4.28 7.08 10.86
N LYS A 77 -5.28 7.92 10.54
CA LYS A 77 -6.67 7.55 10.79
C LYS A 77 -6.97 6.19 10.21
N THR A 78 -7.92 5.43 10.82
CA THR A 78 -8.25 4.10 10.33
C THR A 78 -9.40 4.23 9.35
N PHE A 79 -9.57 3.28 8.40
CA PHE A 79 -10.67 3.36 7.46
C PHE A 79 -11.26 1.97 7.26
N LYS A 80 -12.30 1.88 6.41
CA LYS A 80 -12.83 0.58 5.99
C LYS A 80 -13.02 0.66 4.49
N ALA A 81 -12.86 -0.45 3.74
CA ALA A 81 -12.88 -0.37 2.29
C ALA A 81 -13.26 -1.69 1.69
N THR A 82 -13.67 -1.74 0.40
CA THR A 82 -13.98 -3.01 -0.23
C THR A 82 -12.81 -3.39 -1.09
N VAL A 83 -11.89 -4.25 -0.57
CA VAL A 83 -10.80 -4.72 -1.42
C VAL A 83 -11.44 -5.64 -2.43
N GLN A 84 -10.96 -5.67 -3.69
CA GLN A 84 -11.44 -6.65 -4.66
C GLN A 84 -10.23 -7.10 -5.44
N MET A 85 -10.39 -8.06 -6.37
CA MET A 85 -9.26 -8.60 -7.12
C MET A 85 -9.64 -8.62 -8.58
N GLU A 86 -8.64 -8.91 -9.46
CA GLU A 86 -8.97 -9.16 -10.86
C GLU A 86 -7.85 -9.91 -11.55
N GLY A 87 -7.67 -11.21 -11.21
CA GLY A 87 -6.68 -12.03 -11.90
C GLY A 87 -5.37 -11.94 -11.17
N GLY A 88 -4.33 -11.29 -11.74
CA GLY A 88 -3.07 -11.10 -11.03
C GLY A 88 -2.95 -9.65 -10.63
N LYS A 89 -4.06 -9.03 -10.14
CA LYS A 89 -4.02 -7.61 -9.81
C LYS A 89 -5.04 -7.34 -8.73
N LEU A 90 -4.81 -6.29 -7.89
CA LEU A 90 -5.60 -6.10 -6.69
C LEU A 90 -6.25 -4.74 -6.69
N VAL A 91 -7.38 -4.57 -5.98
CA VAL A 91 -8.16 -3.34 -6.08
C VAL A 91 -8.63 -2.92 -4.71
N VAL A 92 -8.69 -1.61 -4.37
CA VAL A 92 -9.32 -1.19 -3.12
C VAL A 92 -9.81 0.24 -3.23
N ASN A 93 -10.81 0.62 -2.40
CA ASN A 93 -11.37 1.96 -2.45
C ASN A 93 -11.85 2.32 -1.06
N PHE A 94 -11.29 3.38 -0.43
CA PHE A 94 -11.65 3.77 0.94
C PHE A 94 -12.47 5.03 0.82
N PRO A 95 -13.34 5.46 1.76
CA PRO A 95 -13.97 6.77 1.63
C PRO A 95 -12.94 7.83 1.96
N ASN A 96 -11.93 8.01 1.07
CA ASN A 96 -10.77 8.85 1.39
C ASN A 96 -9.77 8.87 0.26
N TYR A 97 -9.41 7.69 -0.31
CA TYR A 97 -8.47 7.60 -1.44
C TYR A 97 -8.77 6.30 -2.17
N HIS A 98 -8.03 5.95 -3.25
CA HIS A 98 -8.23 4.68 -3.94
C HIS A 98 -6.87 4.11 -4.24
N GLN A 99 -6.74 2.77 -4.40
CA GLN A 99 -5.43 2.20 -4.69
C GLN A 99 -5.62 0.88 -5.39
N THR A 100 -4.68 0.46 -6.26
CA THR A 100 -4.80 -0.83 -6.94
C THR A 100 -3.41 -1.43 -6.97
N SER A 101 -3.13 -2.52 -6.22
CA SER A 101 -1.77 -3.07 -6.23
C SER A 101 -1.64 -3.99 -7.40
N GLU A 102 -0.40 -4.36 -7.83
CA GLU A 102 -0.25 -5.09 -9.09
C GLU A 102 1.08 -5.82 -9.12
N ILE A 103 1.13 -7.15 -8.85
CA ILE A 103 2.40 -7.87 -8.86
C ILE A 103 2.98 -7.89 -10.25
N VAL A 104 4.34 -7.86 -10.39
CA VAL A 104 4.97 -7.93 -11.70
C VAL A 104 6.05 -8.99 -11.63
N GLY A 105 5.70 -10.29 -11.77
CA GLY A 105 6.70 -11.35 -11.76
C GLY A 105 7.40 -11.38 -10.42
N ASP A 106 8.47 -10.56 -10.25
CA ASP A 106 9.23 -10.52 -9.00
C ASP A 106 9.32 -9.09 -8.55
N LYS A 107 8.16 -8.42 -8.40
CA LYS A 107 8.11 -7.03 -7.92
C LYS A 107 6.76 -6.88 -7.26
N LEU A 108 6.51 -5.75 -6.57
CA LEU A 108 5.17 -5.44 -6.08
C LEU A 108 5.01 -3.96 -6.29
N VAL A 109 4.06 -3.48 -7.12
CA VAL A 109 3.94 -2.04 -7.37
C VAL A 109 2.56 -1.58 -6.96
N GLU A 110 2.37 -0.26 -6.74
CA GLU A 110 1.06 0.25 -6.33
C GLU A 110 0.76 1.54 -7.05
N VAL A 111 -0.54 1.91 -7.18
CA VAL A 111 -0.90 3.18 -7.81
C VAL A 111 -1.97 3.79 -6.93
N SER A 112 -1.59 4.71 -5.99
CA SER A 112 -2.60 5.29 -5.11
C SER A 112 -3.37 6.32 -5.88
N THR A 113 -4.46 6.90 -5.33
CA THR A 113 -5.29 7.82 -6.12
C THR A 113 -6.22 8.60 -5.22
N ILE A 114 -6.63 9.84 -5.56
CA ILE A 114 -7.53 10.56 -4.66
C ILE A 114 -8.31 11.68 -5.33
N GLY A 115 -7.69 12.63 -6.05
CA GLY A 115 -8.44 13.74 -6.62
C GLY A 115 -7.64 14.39 -7.72
N GLY A 116 -7.46 13.69 -8.87
CA GLY A 116 -6.58 14.20 -9.92
C GLY A 116 -5.14 14.12 -9.48
N VAL A 117 -4.78 13.17 -8.58
CA VAL A 117 -3.40 13.04 -8.12
C VAL A 117 -3.18 11.56 -7.85
N THR A 118 -1.93 11.04 -8.02
CA THR A 118 -1.68 9.62 -7.85
C THR A 118 -0.36 9.46 -7.13
N TYR A 119 -0.04 8.28 -6.57
CA TYR A 119 1.32 8.02 -6.08
C TYR A 119 1.72 6.66 -6.58
N GLU A 120 2.43 6.57 -7.74
CA GLU A 120 2.89 5.27 -8.21
C GLU A 120 4.11 4.85 -7.43
N ARG A 121 4.32 3.54 -7.17
CA ARG A 121 5.38 3.12 -6.25
C ARG A 121 5.81 1.73 -6.63
N VAL A 122 7.07 1.30 -6.37
CA VAL A 122 7.57 0.06 -6.95
C VAL A 122 8.32 -0.70 -5.88
N SER A 123 7.63 -1.48 -5.01
CA SER A 123 8.35 -2.19 -3.97
C SER A 123 9.11 -3.33 -4.63
N LYS A 124 10.47 -3.28 -4.73
CA LYS A 124 11.24 -4.36 -5.36
C LYS A 124 11.16 -5.63 -4.52
N ARG A 125 11.75 -6.77 -4.95
CA ARG A 125 11.53 -8.08 -4.31
C ARG A 125 12.74 -8.52 -3.50
N LEU A 126 12.97 -7.87 -2.35
CA LEU A 126 14.10 -8.15 -1.46
C LEU A 126 13.88 -7.36 -0.18
N ALA A 127 14.91 -7.08 0.65
CA ALA A 127 14.71 -6.22 1.81
C ALA A 127 16.02 -5.59 2.21
N ALA A 1 2.90 -14.15 -7.41
CA ALA A 1 1.61 -13.85 -6.81
C ALA A 1 1.77 -12.95 -5.61
N PHE A 2 0.66 -12.40 -5.06
CA PHE A 2 0.75 -11.58 -3.85
C PHE A 2 1.23 -12.40 -2.69
N THR A 3 2.54 -12.72 -2.62
CA THR A 3 3.06 -13.51 -1.50
C THR A 3 4.56 -13.38 -1.52
N GLY A 4 5.20 -12.84 -0.46
CA GLY A 4 6.67 -12.75 -0.46
C GLY A 4 7.14 -11.57 0.35
N LYS A 5 8.48 -11.35 0.42
CA LYS A 5 9.00 -10.15 1.08
C LYS A 5 9.32 -9.15 0.00
N PHE A 6 9.14 -7.84 0.26
CA PHE A 6 9.39 -6.82 -0.74
C PHE A 6 9.94 -5.59 -0.06
N GLU A 7 10.57 -4.62 -0.78
CA GLU A 7 10.98 -3.39 -0.10
C GLU A 7 10.84 -2.23 -1.05
N MET A 8 10.23 -1.10 -0.60
CA MET A 8 10.13 0.09 -1.45
C MET A 8 11.53 0.42 -1.93
N GLU A 9 11.76 0.64 -3.25
CA GLU A 9 13.06 1.13 -3.72
C GLU A 9 12.94 2.58 -4.12
N SER A 10 11.96 2.91 -5.00
CA SER A 10 11.76 4.30 -5.42
C SER A 10 10.29 4.65 -5.41
N GLU A 11 9.96 5.96 -5.50
CA GLU A 11 8.56 6.41 -5.44
C GLU A 11 8.31 7.37 -6.58
N LYS A 12 7.04 7.79 -6.79
CA LYS A 12 6.74 8.81 -7.80
C LYS A 12 5.44 9.47 -7.43
N ASN A 13 5.33 10.81 -7.45
CA ASN A 13 4.07 11.47 -7.09
C ASN A 13 3.61 11.19 -5.67
N TYR A 14 4.45 10.65 -4.77
CA TYR A 14 4.02 10.44 -3.39
C TYR A 14 3.91 11.76 -2.67
N ASP A 15 4.86 12.70 -2.88
CA ASP A 15 4.91 13.90 -2.05
C ASP A 15 3.62 14.67 -2.21
N GLU A 16 3.20 14.90 -3.47
CA GLU A 16 1.95 15.60 -3.70
C GLU A 16 0.82 14.79 -3.13
N PHE A 17 0.75 13.46 -3.40
CA PHE A 17 -0.34 12.67 -2.82
C PHE A 17 -0.41 12.88 -1.32
N MET A 18 0.75 12.97 -0.64
CA MET A 18 0.76 13.18 0.80
C MET A 18 0.26 14.58 1.08
N LYS A 19 0.68 15.59 0.29
CA LYS A 19 0.30 16.97 0.61
C LYS A 19 -1.19 17.13 0.52
N LEU A 20 -1.90 16.39 -0.38
CA LEU A 20 -3.37 16.40 -0.36
C LEU A 20 -3.84 15.52 0.77
N LEU A 21 -3.40 14.25 0.79
CA LEU A 21 -3.97 13.26 1.71
C LEU A 21 -4.01 13.80 3.13
N GLY A 22 -2.93 14.49 3.56
CA GLY A 22 -2.91 15.14 4.88
C GLY A 22 -1.93 14.41 5.76
N ILE A 23 -0.61 14.55 5.49
CA ILE A 23 0.41 13.75 6.17
C ILE A 23 1.54 14.65 6.65
N SER A 24 2.37 14.22 7.62
CA SER A 24 3.34 15.14 8.24
C SER A 24 4.58 15.35 7.40
N SER A 25 5.29 16.49 7.60
CA SER A 25 6.54 16.74 6.89
C SER A 25 7.56 15.68 7.24
N ASP A 26 7.68 15.30 8.53
CA ASP A 26 8.71 14.35 8.92
C ASP A 26 8.60 13.10 8.08
N VAL A 27 7.40 12.49 8.02
CA VAL A 27 7.27 11.21 7.33
C VAL A 27 7.32 11.42 5.84
N ILE A 28 6.80 12.55 5.30
CA ILE A 28 6.95 12.80 3.86
C ILE A 28 8.41 12.64 3.49
N GLU A 29 9.31 13.37 4.19
CA GLU A 29 10.73 13.31 3.80
C GLU A 29 11.24 11.89 3.88
N LYS A 30 10.75 11.07 4.84
CA LYS A 30 11.27 9.71 4.95
C LYS A 30 10.76 8.87 3.80
N ALA A 31 9.44 8.86 3.52
CA ALA A 31 8.91 8.08 2.40
C ALA A 31 9.83 8.16 1.22
N ARG A 32 10.30 9.39 0.87
CA ARG A 32 11.24 9.52 -0.23
C ARG A 32 12.50 8.76 0.10
N ASN A 33 13.19 9.11 1.21
CA ASN A 33 14.49 8.50 1.52
C ASN A 33 14.35 7.42 2.56
N PHE A 34 13.44 6.44 2.34
CA PHE A 34 13.34 5.29 3.25
C PHE A 34 12.91 4.08 2.48
N LYS A 35 13.76 3.02 2.37
CA LYS A 35 13.27 1.77 1.76
C LYS A 35 12.31 1.12 2.73
N ILE A 36 11.05 1.62 2.79
CA ILE A 36 10.03 0.98 3.62
C ILE A 36 10.01 -0.49 3.29
N VAL A 37 9.75 -1.39 4.29
CA VAL A 37 9.75 -2.81 4.01
C VAL A 37 8.31 -3.22 3.85
N THR A 38 8.08 -4.31 3.08
CA THR A 38 6.72 -4.76 2.83
C THR A 38 6.74 -6.26 2.80
N GLU A 39 5.68 -6.93 3.31
CA GLU A 39 5.64 -8.39 3.33
C GLU A 39 4.22 -8.78 3.01
N VAL A 40 3.97 -9.92 2.31
CA VAL A 40 2.59 -10.26 1.95
C VAL A 40 2.34 -11.74 2.07
N GLN A 41 1.09 -12.16 2.37
CA GLN A 41 0.73 -13.56 2.30
C GLN A 41 -0.71 -13.65 1.83
N GLN A 42 -0.96 -14.06 0.57
CA GLN A 42 -2.33 -14.20 0.09
C GLN A 42 -2.81 -15.56 0.56
N ASP A 43 -3.38 -15.66 1.77
CA ASP A 43 -3.95 -16.91 2.22
C ASP A 43 -5.33 -16.99 1.61
N GLY A 44 -5.42 -17.18 0.28
CA GLY A 44 -6.73 -17.26 -0.37
C GLY A 44 -7.40 -15.91 -0.41
N GLN A 45 -8.75 -15.91 -0.50
CA GLN A 45 -9.55 -14.68 -0.47
C GLN A 45 -9.11 -13.79 0.67
N ASP A 46 -8.66 -14.34 1.84
CA ASP A 46 -8.13 -13.48 2.90
C ASP A 46 -6.67 -13.19 2.62
N PHE A 47 -6.14 -12.03 3.06
CA PHE A 47 -4.73 -11.70 2.88
C PHE A 47 -4.14 -11.38 4.23
N THR A 48 -2.79 -11.40 4.36
CA THR A 48 -2.13 -10.98 5.60
C THR A 48 -1.01 -10.09 5.12
N TRP A 49 -1.33 -8.82 4.78
CA TRP A 49 -0.33 -7.93 4.21
C TRP A 49 0.39 -7.22 5.34
N SER A 50 1.59 -6.65 5.09
CA SER A 50 2.15 -5.72 6.07
C SER A 50 3.06 -4.71 5.40
N GLN A 51 3.21 -3.49 5.98
CA GLN A 51 4.12 -2.49 5.42
C GLN A 51 5.00 -2.08 6.57
N HIS A 52 6.07 -2.86 6.85
CA HIS A 52 6.82 -2.64 8.08
C HIS A 52 7.69 -1.42 7.92
N TYR A 53 7.92 -0.63 8.99
CA TYR A 53 8.85 0.49 8.89
C TYR A 53 10.15 0.00 9.48
N SER A 54 10.66 -1.16 8.98
CA SER A 54 11.88 -1.74 9.54
C SER A 54 11.96 -1.54 11.04
N GLY A 55 10.85 -1.75 11.77
CA GLY A 55 10.87 -1.44 13.21
C GLY A 55 9.51 -1.57 13.86
N GLY A 56 9.36 -1.01 15.10
CA GLY A 56 8.12 -1.18 15.84
C GLY A 56 6.90 -0.73 15.08
N HIS A 57 6.94 0.42 14.39
CA HIS A 57 5.77 0.86 13.62
C HIS A 57 5.57 -0.14 12.51
N THR A 58 4.80 -1.23 12.76
CA THR A 58 4.41 -2.10 11.66
C THR A 58 3.05 -1.61 11.22
N MET A 59 2.95 -0.86 10.10
CA MET A 59 1.63 -0.53 9.58
C MET A 59 1.18 -1.79 8.89
N THR A 60 -0.14 -2.10 8.78
CA THR A 60 -0.51 -3.35 8.13
C THR A 60 -1.85 -3.30 7.41
N ASN A 61 -2.03 -4.16 6.36
CA ASN A 61 -3.29 -4.20 5.63
C ASN A 61 -3.79 -5.63 5.57
N LYS A 62 -4.27 -6.22 6.68
CA LYS A 62 -4.96 -7.50 6.57
C LYS A 62 -6.32 -7.19 5.99
N PHE A 63 -6.90 -8.08 5.16
CA PHE A 63 -8.23 -7.81 4.60
C PHE A 63 -8.76 -9.03 3.88
N THR A 64 -10.06 -9.02 3.48
CA THR A 64 -10.60 -10.10 2.67
C THR A 64 -11.22 -9.48 1.44
N VAL A 65 -11.03 -10.08 0.24
CA VAL A 65 -11.39 -9.42 -1.00
C VAL A 65 -12.76 -9.90 -1.41
N GLY A 66 -13.54 -9.10 -2.17
CA GLY A 66 -14.92 -9.46 -2.42
C GLY A 66 -15.67 -9.56 -1.11
N LYS A 67 -15.19 -8.90 -0.02
CA LYS A 67 -15.89 -8.98 1.26
C LYS A 67 -15.86 -7.62 1.95
N GLU A 68 -14.66 -7.12 2.33
CA GLU A 68 -14.46 -5.81 2.96
C GLU A 68 -13.85 -6.04 4.32
N SER A 69 -13.13 -5.04 4.86
CA SER A 69 -12.52 -5.19 6.18
C SER A 69 -12.16 -3.83 6.71
N ASN A 70 -11.85 -3.68 8.02
CA ASN A 70 -11.28 -2.41 8.48
C ASN A 70 -9.83 -2.45 8.07
N ILE A 71 -9.23 -1.34 7.58
CA ILE A 71 -7.85 -1.37 7.09
C ILE A 71 -7.14 -0.14 7.64
N GLN A 72 -5.85 -0.23 8.04
CA GLN A 72 -5.20 0.88 8.75
C GLN A 72 -4.86 2.02 7.82
N THR A 73 -4.36 1.69 6.61
CA THR A 73 -4.02 2.68 5.60
C THR A 73 -2.86 3.56 6.00
N MET A 74 -2.24 4.24 5.00
CA MET A 74 -1.04 5.05 5.18
C MET A 74 -0.37 4.93 6.54
N GLY A 75 -0.91 5.55 7.62
CA GLY A 75 -0.30 5.46 8.94
C GLY A 75 -1.33 4.89 9.87
N GLY A 76 -2.26 5.74 10.39
CA GLY A 76 -3.33 5.26 11.24
C GLY A 76 -4.60 6.01 10.92
N LYS A 77 -4.89 6.21 9.61
CA LYS A 77 -6.11 6.89 9.20
C LYS A 77 -7.07 5.79 8.82
N THR A 78 -7.43 4.93 9.80
CA THR A 78 -8.17 3.71 9.44
C THR A 78 -9.46 4.01 8.72
N PHE A 79 -9.96 3.03 7.94
CA PHE A 79 -11.30 3.13 7.35
C PHE A 79 -11.77 1.74 7.03
N LYS A 80 -13.06 1.56 6.64
CA LYS A 80 -13.50 0.26 6.11
C LYS A 80 -13.60 0.42 4.61
N ALA A 81 -13.12 -0.57 3.83
CA ALA A 81 -13.05 -0.42 2.37
C ALA A 81 -13.33 -1.76 1.73
N THR A 82 -13.74 -1.82 0.44
CA THR A 82 -14.04 -3.11 -0.17
C THR A 82 -12.88 -3.49 -1.05
N VAL A 83 -12.00 -4.42 -0.61
CA VAL A 83 -10.90 -4.84 -1.47
C VAL A 83 -11.49 -5.78 -2.50
N GLN A 84 -10.97 -5.79 -3.75
CA GLN A 84 -11.38 -6.76 -4.75
C GLN A 84 -10.14 -7.19 -5.49
N MET A 85 -10.27 -8.14 -6.45
CA MET A 85 -9.10 -8.70 -7.12
C MET A 85 -9.31 -8.72 -8.61
N GLU A 86 -8.22 -8.99 -9.37
CA GLU A 86 -8.31 -9.11 -10.82
C GLU A 86 -7.32 -10.17 -11.28
N GLY A 87 -7.56 -11.45 -10.91
CA GLY A 87 -6.67 -12.53 -11.37
C GLY A 87 -5.38 -12.48 -10.59
N GLY A 88 -4.35 -11.73 -11.07
CA GLY A 88 -3.11 -11.58 -10.32
C GLY A 88 -2.87 -10.11 -10.09
N LYS A 89 -3.94 -9.36 -9.73
CA LYS A 89 -3.83 -7.91 -9.55
C LYS A 89 -4.87 -7.49 -8.53
N LEU A 90 -4.69 -6.38 -7.79
CA LEU A 90 -5.51 -6.12 -6.62
C LEU A 90 -6.18 -4.76 -6.66
N VAL A 91 -7.34 -4.59 -5.99
CA VAL A 91 -8.10 -3.34 -6.08
C VAL A 91 -8.64 -2.95 -4.73
N VAL A 92 -8.73 -1.65 -4.38
CA VAL A 92 -9.41 -1.25 -3.16
C VAL A 92 -9.90 0.18 -3.27
N ASN A 93 -10.92 0.56 -2.46
CA ASN A 93 -11.47 1.91 -2.50
C ASN A 93 -11.95 2.24 -1.10
N PHE A 94 -11.41 3.31 -0.45
CA PHE A 94 -11.78 3.66 0.93
C PHE A 94 -12.63 4.90 0.84
N PRO A 95 -13.50 5.28 1.81
CA PRO A 95 -14.12 6.60 1.75
C PRO A 95 -13.06 7.62 2.09
N ASN A 96 -12.11 7.88 1.16
CA ASN A 96 -10.97 8.76 1.44
C ASN A 96 -10.03 8.82 0.25
N TYR A 97 -9.61 7.65 -0.30
CA TYR A 97 -8.71 7.60 -1.45
C TYR A 97 -8.96 6.30 -2.19
N HIS A 98 -8.25 6.03 -3.31
CA HIS A 98 -8.41 4.76 -4.03
C HIS A 98 -7.04 4.21 -4.31
N GLN A 99 -6.89 2.87 -4.47
CA GLN A 99 -5.56 2.30 -4.62
C GLN A 99 -5.66 0.94 -5.25
N THR A 100 -4.61 0.50 -6.00
CA THR A 100 -4.70 -0.73 -6.76
C THR A 100 -3.31 -1.34 -6.78
N SER A 101 -3.06 -2.48 -6.10
CA SER A 101 -1.70 -3.03 -6.08
C SER A 101 -1.56 -3.99 -7.24
N GLU A 102 -0.32 -4.38 -7.62
CA GLU A 102 -0.15 -5.28 -8.77
C GLU A 102 1.15 -6.05 -8.63
N ILE A 103 1.15 -7.40 -8.81
CA ILE A 103 2.40 -8.16 -8.78
C ILE A 103 2.90 -8.28 -10.20
N VAL A 104 4.23 -8.33 -10.41
CA VAL A 104 4.79 -8.40 -11.77
C VAL A 104 5.92 -9.41 -11.74
N GLY A 105 5.58 -10.72 -11.70
CA GLY A 105 6.61 -11.76 -11.72
C GLY A 105 7.29 -11.84 -10.37
N ASP A 106 8.33 -11.00 -10.15
CA ASP A 106 9.07 -11.02 -8.88
C ASP A 106 9.23 -9.58 -8.44
N LYS A 107 8.09 -8.90 -8.24
CA LYS A 107 8.11 -7.48 -7.92
C LYS A 107 6.73 -7.09 -7.48
N LEU A 108 6.56 -6.18 -6.49
CA LEU A 108 5.24 -5.71 -6.10
C LEU A 108 5.22 -4.24 -6.44
N VAL A 109 4.12 -3.71 -7.02
CA VAL A 109 4.05 -2.28 -7.28
C VAL A 109 2.72 -1.75 -6.81
N GLU A 110 2.54 -0.42 -6.75
CA GLU A 110 1.29 0.13 -6.23
C GLU A 110 1.03 1.49 -6.81
N VAL A 111 -0.26 1.91 -6.94
CA VAL A 111 -0.58 3.20 -7.54
C VAL A 111 -1.77 3.78 -6.78
N SER A 112 -1.57 4.77 -5.88
CA SER A 112 -2.67 5.33 -5.07
C SER A 112 -3.48 6.27 -5.92
N THR A 113 -4.56 6.91 -5.37
CA THR A 113 -5.33 7.87 -6.14
C THR A 113 -6.28 8.62 -5.23
N ILE A 114 -6.74 9.85 -5.56
CA ILE A 114 -7.71 10.51 -4.69
C ILE A 114 -8.55 11.55 -5.43
N GLY A 115 -7.95 12.50 -6.19
CA GLY A 115 -8.74 13.49 -6.93
C GLY A 115 -8.07 13.71 -8.26
N GLY A 116 -6.96 14.50 -8.28
CA GLY A 116 -6.17 14.66 -9.50
C GLY A 116 -4.72 14.37 -9.21
N VAL A 117 -4.42 13.42 -8.29
CA VAL A 117 -3.04 13.13 -7.90
C VAL A 117 -2.94 11.64 -7.64
N THR A 118 -1.74 11.04 -7.83
CA THR A 118 -1.58 9.58 -7.73
C THR A 118 -0.29 9.32 -6.97
N TYR A 119 0.02 8.06 -6.58
CA TYR A 119 1.35 7.75 -6.01
C TYR A 119 1.85 6.43 -6.60
N GLU A 120 2.53 6.43 -7.78
CA GLU A 120 3.06 5.17 -8.31
C GLU A 120 4.23 4.72 -7.46
N ARG A 121 4.52 3.40 -7.33
CA ARG A 121 5.55 2.97 -6.36
C ARG A 121 5.99 1.57 -6.68
N VAL A 122 7.23 1.14 -6.36
CA VAL A 122 7.71 -0.18 -6.75
C VAL A 122 8.40 -0.87 -5.59
N SER A 123 7.72 -1.78 -4.85
CA SER A 123 8.40 -2.57 -3.82
C SER A 123 8.97 -3.78 -4.51
N LYS A 124 10.28 -3.80 -4.86
CA LYS A 124 10.88 -4.97 -5.49
C LYS A 124 10.74 -6.19 -4.60
N ARG A 125 11.08 -7.40 -5.10
CA ARG A 125 10.90 -8.64 -4.35
C ARG A 125 12.30 -9.06 -3.94
N LEU A 126 12.73 -8.70 -2.72
CA LEU A 126 14.12 -8.89 -2.31
C LEU A 126 14.17 -8.69 -0.80
N ALA A 127 15.33 -8.37 -0.20
CA ALA A 127 15.39 -8.23 1.25
C ALA A 127 16.62 -7.47 1.68
N ALA A 1 1.52 -15.20 -6.09
CA ALA A 1 1.89 -13.90 -6.61
C ALA A 1 2.01 -12.92 -5.48
N PHE A 2 0.89 -12.48 -4.85
CA PHE A 2 0.97 -11.61 -3.68
C PHE A 2 1.53 -12.34 -2.49
N THR A 3 2.86 -12.60 -2.45
CA THR A 3 3.46 -13.24 -1.28
C THR A 3 4.96 -13.03 -1.35
N GLY A 4 5.59 -12.42 -0.34
CA GLY A 4 7.05 -12.25 -0.36
C GLY A 4 7.46 -11.03 0.40
N LYS A 5 8.78 -10.76 0.50
CA LYS A 5 9.24 -9.50 1.09
C LYS A 5 9.44 -8.53 -0.03
N PHE A 6 9.21 -7.22 0.21
CA PHE A 6 9.44 -6.21 -0.81
C PHE A 6 9.91 -4.93 -0.16
N GLU A 7 10.39 -3.89 -0.89
CA GLU A 7 10.64 -2.61 -0.22
C GLU A 7 10.62 -1.46 -1.20
N MET A 8 10.11 -0.27 -0.80
CA MET A 8 10.02 0.85 -1.74
C MET A 8 11.39 1.26 -2.21
N GLU A 9 11.46 1.96 -3.37
CA GLU A 9 12.75 2.27 -3.97
C GLU A 9 12.61 3.43 -4.93
N SER A 10 11.76 3.32 -5.99
CA SER A 10 11.51 4.45 -6.89
C SER A 10 10.13 4.97 -6.60
N GLU A 11 9.77 6.19 -7.08
CA GLU A 11 8.56 6.84 -6.58
C GLU A 11 8.11 7.95 -7.53
N LYS A 12 6.82 8.34 -7.56
CA LYS A 12 6.36 9.35 -8.52
C LYS A 12 5.05 9.97 -8.09
N ASN A 13 4.85 11.32 -8.15
CA ASN A 13 3.59 11.92 -7.69
C ASN A 13 3.29 11.48 -6.26
N TYR A 14 4.34 11.45 -5.42
CA TYR A 14 4.20 11.03 -4.03
C TYR A 14 4.05 12.24 -3.15
N ASP A 15 4.98 13.22 -3.24
CA ASP A 15 4.84 14.41 -2.42
C ASP A 15 3.46 14.99 -2.65
N GLU A 16 3.09 15.35 -3.89
CA GLU A 16 1.75 15.90 -4.13
C GLU A 16 0.71 15.00 -3.51
N PHE A 17 0.72 13.67 -3.79
CA PHE A 17 -0.33 12.83 -3.21
C PHE A 17 -0.41 12.99 -1.71
N MET A 18 0.73 12.93 -0.98
CA MET A 18 0.69 12.93 0.48
C MET A 18 0.41 14.34 0.97
N LYS A 19 1.14 15.34 0.45
CA LYS A 19 0.85 16.75 0.71
C LYS A 19 -0.64 17.00 0.75
N LEU A 20 -1.38 16.47 -0.26
CA LEU A 20 -2.81 16.74 -0.35
C LEU A 20 -3.61 15.73 0.45
N LEU A 21 -3.18 14.46 0.51
CA LEU A 21 -3.92 13.46 1.29
C LEU A 21 -4.09 13.98 2.70
N GLY A 22 -3.02 14.59 3.27
CA GLY A 22 -3.09 15.19 4.60
C GLY A 22 -2.01 14.60 5.47
N ILE A 23 -0.72 14.87 5.15
CA ILE A 23 0.40 14.23 5.85
C ILE A 23 1.42 15.30 6.18
N SER A 24 2.31 15.08 7.19
CA SER A 24 3.25 16.14 7.58
C SER A 24 4.57 16.04 6.84
N SER A 25 5.15 17.17 6.37
CA SER A 25 6.35 17.10 5.53
C SER A 25 7.43 16.22 6.10
N ASP A 26 7.69 16.26 7.42
CA ASP A 26 8.81 15.49 7.95
C ASP A 26 8.64 14.03 7.62
N VAL A 27 7.42 13.46 7.84
CA VAL A 27 7.22 12.04 7.56
C VAL A 27 7.12 11.81 6.06
N ILE A 28 6.64 12.80 5.26
CA ILE A 28 6.60 12.60 3.82
C ILE A 28 8.01 12.26 3.38
N GLU A 29 8.99 13.13 3.68
CA GLU A 29 10.34 12.90 3.19
C GLU A 29 10.85 11.54 3.63
N LYS A 30 10.40 10.98 4.78
CA LYS A 30 10.93 9.68 5.17
C LYS A 30 10.59 8.65 4.12
N ALA A 31 9.32 8.37 3.80
CA ALA A 31 9.07 7.26 2.88
C ALA A 31 9.85 7.42 1.60
N ARG A 32 10.10 8.67 1.15
CA ARG A 32 10.88 8.86 -0.06
C ARG A 32 12.31 8.41 0.17
N ASN A 33 13.04 9.05 1.11
CA ASN A 33 14.43 8.65 1.31
C ASN A 33 14.49 7.27 1.93
N PHE A 34 13.82 7.06 3.08
CA PHE A 34 13.87 5.77 3.76
C PHE A 34 13.09 4.75 2.96
N LYS A 35 13.62 3.53 2.74
CA LYS A 35 12.86 2.51 2.02
C LYS A 35 11.92 1.86 3.01
N ILE A 36 10.64 2.30 3.08
CA ILE A 36 9.68 1.60 3.93
C ILE A 36 9.61 0.18 3.40
N VAL A 37 9.51 -0.84 4.28
CA VAL A 37 9.52 -2.22 3.82
C VAL A 37 8.10 -2.67 3.66
N THR A 38 7.86 -3.66 2.77
CA THR A 38 6.52 -4.19 2.55
C THR A 38 6.60 -5.68 2.50
N GLU A 39 5.89 -6.42 3.38
CA GLU A 39 5.87 -7.87 3.32
C GLU A 39 4.45 -8.29 3.05
N VAL A 40 4.24 -9.47 2.41
CA VAL A 40 2.87 -9.92 2.15
C VAL A 40 2.82 -11.43 2.28
N GLN A 41 1.68 -12.00 2.73
CA GLN A 41 1.51 -13.45 2.67
C GLN A 41 0.04 -13.68 2.41
N GLN A 42 -0.38 -13.79 1.13
CA GLN A 42 -1.81 -13.87 0.86
C GLN A 42 -2.33 -15.20 1.35
N ASP A 43 -3.68 -15.35 1.48
CA ASP A 43 -4.24 -16.54 2.09
C ASP A 43 -5.57 -16.82 1.43
N GLY A 44 -5.54 -17.20 0.14
CA GLY A 44 -6.79 -17.35 -0.59
C GLY A 44 -7.46 -15.99 -0.67
N GLN A 45 -8.80 -15.99 -0.74
CA GLN A 45 -9.56 -14.74 -0.72
C GLN A 45 -9.08 -13.85 0.41
N ASP A 46 -8.74 -14.40 1.61
CA ASP A 46 -8.22 -13.57 2.69
C ASP A 46 -6.77 -13.21 2.44
N PHE A 47 -6.26 -12.10 3.03
CA PHE A 47 -4.86 -11.70 2.87
C PHE A 47 -4.27 -11.37 4.21
N THR A 48 -2.91 -11.31 4.30
CA THR A 48 -2.25 -10.95 5.54
C THR A 48 -1.16 -9.97 5.15
N TRP A 49 -1.53 -8.75 4.69
CA TRP A 49 -0.52 -7.82 4.20
C TRP A 49 0.26 -7.31 5.36
N SER A 50 1.45 -6.73 5.14
CA SER A 50 2.06 -5.94 6.20
C SER A 50 3.03 -4.95 5.62
N GLN A 51 3.39 -3.89 6.38
CA GLN A 51 4.45 -2.99 5.92
C GLN A 51 5.11 -2.40 7.13
N HIS A 52 6.46 -2.17 7.13
CA HIS A 52 7.18 -2.00 8.38
C HIS A 52 8.06 -0.76 8.36
N TYR A 53 8.18 -0.02 9.49
CA TYR A 53 8.97 1.21 9.47
C TYR A 53 9.30 1.73 10.85
N SER A 54 10.16 2.77 10.94
CA SER A 54 10.45 3.42 12.22
C SER A 54 10.76 2.43 13.32
N GLY A 55 11.58 1.39 13.04
CA GLY A 55 11.99 0.47 14.09
C GLY A 55 10.80 -0.10 14.83
N GLY A 56 10.36 0.53 15.95
CA GLY A 56 9.24 -0.01 16.72
C GLY A 56 7.92 0.37 16.11
N HIS A 57 7.61 -0.12 14.89
CA HIS A 57 6.29 0.08 14.30
C HIS A 57 6.10 -0.88 13.16
N THR A 58 4.94 -1.58 13.07
CA THR A 58 4.60 -2.34 11.87
C THR A 58 3.16 -2.03 11.57
N MET A 59 2.83 -1.27 10.50
CA MET A 59 1.42 -1.10 10.15
C MET A 59 1.05 -2.41 9.49
N THR A 60 -0.22 -2.87 9.58
CA THR A 60 -0.60 -4.10 8.90
C THR A 60 -1.98 -3.97 8.31
N ASN A 61 -2.22 -4.57 7.11
CA ASN A 61 -3.47 -4.40 6.40
C ASN A 61 -3.97 -5.76 5.97
N LYS A 62 -4.50 -6.56 6.93
CA LYS A 62 -5.17 -7.81 6.53
C LYS A 62 -6.45 -7.43 5.82
N PHE A 63 -6.94 -8.25 4.88
CA PHE A 63 -8.22 -7.94 4.22
C PHE A 63 -8.76 -9.13 3.46
N THR A 64 -10.02 -9.07 2.99
CA THR A 64 -10.58 -10.18 2.21
C THR A 64 -11.12 -9.59 0.92
N VAL A 65 -10.76 -10.18 -0.26
CA VAL A 65 -11.05 -9.53 -1.53
C VAL A 65 -12.42 -9.97 -1.98
N GLY A 66 -13.22 -9.09 -2.61
CA GLY A 66 -14.58 -9.48 -2.95
C GLY A 66 -15.41 -9.60 -1.69
N LYS A 67 -14.98 -9.00 -0.55
CA LYS A 67 -15.74 -9.10 0.68
C LYS A 67 -15.78 -7.75 1.37
N GLU A 68 -14.64 -7.29 1.95
CA GLU A 68 -14.52 -6.02 2.65
C GLU A 68 -14.01 -6.29 4.04
N SER A 69 -13.27 -5.34 4.65
CA SER A 69 -12.77 -5.54 6.01
C SER A 69 -12.30 -4.22 6.55
N ASN A 70 -12.18 -4.06 7.89
CA ASN A 70 -11.62 -2.82 8.41
C ASN A 70 -10.17 -2.82 7.99
N ILE A 71 -9.63 -1.71 7.41
CA ILE A 71 -8.23 -1.65 7.02
C ILE A 71 -7.65 -0.38 7.57
N GLN A 72 -6.45 -0.41 8.18
CA GLN A 72 -5.86 0.82 8.71
C GLN A 72 -5.10 1.42 7.55
N THR A 73 -5.39 2.68 7.15
CA THR A 73 -4.86 3.18 5.88
C THR A 73 -3.59 3.97 6.04
N MET A 74 -2.95 4.32 4.90
CA MET A 74 -1.81 5.23 4.90
C MET A 74 -2.37 6.63 4.77
N GLY A 75 -3.30 7.06 5.66
CA GLY A 75 -4.03 8.29 5.40
C GLY A 75 -4.70 8.86 6.64
N GLY A 76 -6.00 9.21 6.59
CA GLY A 76 -6.61 9.91 7.73
C GLY A 76 -6.91 8.94 8.86
N LYS A 77 -7.57 7.80 8.56
CA LYS A 77 -8.05 6.93 9.63
C LYS A 77 -8.43 5.58 9.09
N THR A 78 -8.76 4.58 9.95
CA THR A 78 -9.15 3.28 9.41
C THR A 78 -10.50 3.39 8.74
N PHE A 79 -10.82 2.48 7.79
CA PHE A 79 -12.15 2.42 7.21
C PHE A 79 -12.47 0.99 6.83
N LYS A 80 -13.74 0.68 6.49
CA LYS A 80 -14.08 -0.66 6.03
C LYS A 80 -14.19 -0.60 4.52
N ALA A 81 -13.02 -0.68 3.82
CA ALA A 81 -13.02 -0.54 2.36
C ALA A 81 -13.32 -1.87 1.73
N THR A 82 -13.69 -1.89 0.42
CA THR A 82 -13.97 -3.16 -0.25
C THR A 82 -12.79 -3.51 -1.13
N VAL A 83 -11.95 -4.51 -0.74
CA VAL A 83 -10.83 -4.91 -1.59
C VAL A 83 -11.38 -5.84 -2.65
N GLN A 84 -10.78 -5.87 -3.87
CA GLN A 84 -11.20 -6.81 -4.91
C GLN A 84 -9.96 -7.23 -5.68
N MET A 85 -10.12 -8.07 -6.72
CA MET A 85 -8.98 -8.65 -7.43
C MET A 85 -9.27 -8.65 -8.91
N GLU A 86 -8.26 -8.53 -9.81
CA GLU A 86 -8.53 -8.52 -11.25
C GLU A 86 -7.44 -9.29 -12.00
N GLY A 87 -7.32 -10.60 -11.73
CA GLY A 87 -6.36 -11.41 -12.49
C GLY A 87 -4.94 -10.95 -12.25
N GLY A 88 -4.32 -11.38 -11.13
CA GLY A 88 -2.95 -10.96 -10.85
C GLY A 88 -2.92 -9.47 -10.61
N LYS A 89 -3.95 -8.93 -9.94
CA LYS A 89 -4.00 -7.49 -9.67
C LYS A 89 -4.91 -7.26 -8.50
N LEU A 90 -4.70 -6.21 -7.66
CA LEU A 90 -5.54 -5.99 -6.49
C LEU A 90 -6.21 -4.64 -6.60
N VAL A 91 -7.34 -4.45 -5.88
CA VAL A 91 -8.12 -3.24 -6.04
C VAL A 91 -8.68 -2.84 -4.70
N VAL A 92 -8.76 -1.54 -4.35
CA VAL A 92 -9.43 -1.16 -3.11
C VAL A 92 -9.92 0.26 -3.20
N ASN A 93 -10.94 0.62 -2.39
CA ASN A 93 -11.50 1.97 -2.41
C ASN A 93 -12.01 2.30 -1.02
N PHE A 94 -11.50 3.39 -0.39
CA PHE A 94 -11.89 3.74 0.98
C PHE A 94 -12.66 5.05 0.86
N PRO A 95 -13.55 5.48 1.78
CA PRO A 95 -14.10 6.83 1.70
C PRO A 95 -13.00 7.79 2.09
N ASN A 96 -12.01 8.03 1.20
CA ASN A 96 -10.84 8.85 1.53
C ASN A 96 -9.88 8.86 0.36
N TYR A 97 -9.50 7.69 -0.18
CA TYR A 97 -8.62 7.61 -1.35
C TYR A 97 -8.91 6.32 -2.07
N HIS A 98 -8.16 5.98 -3.15
CA HIS A 98 -8.33 4.69 -3.82
C HIS A 98 -6.95 4.13 -4.07
N GLN A 99 -6.83 2.80 -4.25
CA GLN A 99 -5.51 2.23 -4.52
C GLN A 99 -5.70 0.94 -5.30
N THR A 100 -4.73 0.55 -6.17
CA THR A 100 -4.80 -0.74 -6.84
C THR A 100 -3.42 -1.35 -6.73
N SER A 101 -3.22 -2.41 -5.91
CA SER A 101 -1.89 -3.03 -5.83
C SER A 101 -1.74 -3.95 -7.00
N GLU A 102 -0.50 -4.39 -7.34
CA GLU A 102 -0.34 -5.28 -8.49
C GLU A 102 0.99 -6.00 -8.43
N ILE A 103 1.03 -7.35 -8.59
CA ILE A 103 2.31 -8.06 -8.62
C ILE A 103 2.78 -8.12 -10.05
N VAL A 104 4.12 -8.05 -10.27
CA VAL A 104 4.65 -7.98 -11.63
C VAL A 104 5.83 -8.94 -11.69
N GLY A 105 5.55 -10.26 -11.72
CA GLY A 105 6.62 -11.26 -11.81
C GLY A 105 7.35 -11.34 -10.49
N ASP A 106 8.36 -10.47 -10.27
CA ASP A 106 9.14 -10.50 -9.03
C ASP A 106 9.29 -9.07 -8.57
N LYS A 107 8.13 -8.40 -8.37
CA LYS A 107 8.14 -6.98 -8.02
C LYS A 107 6.72 -6.62 -7.64
N LEU A 108 6.50 -5.89 -6.52
CA LEU A 108 5.14 -5.48 -6.15
C LEU A 108 5.05 -4.04 -6.54
N VAL A 109 3.90 -3.55 -7.06
CA VAL A 109 3.78 -2.12 -7.37
C VAL A 109 2.42 -1.66 -6.91
N GLU A 110 2.19 -0.33 -6.81
CA GLU A 110 0.89 0.18 -6.37
C GLU A 110 0.57 1.47 -7.06
N VAL A 111 -0.72 1.89 -7.07
CA VAL A 111 -1.15 3.10 -7.77
C VAL A 111 -2.13 3.81 -6.86
N SER A 112 -1.69 4.76 -6.00
CA SER A 112 -2.63 5.40 -5.08
C SER A 112 -3.50 6.33 -5.90
N THR A 113 -4.59 6.90 -5.34
CA THR A 113 -5.43 7.81 -6.11
C THR A 113 -6.36 8.57 -5.21
N ILE A 114 -6.87 9.76 -5.61
CA ILE A 114 -7.86 10.44 -4.77
C ILE A 114 -8.73 11.39 -5.57
N GLY A 115 -8.16 12.32 -6.39
CA GLY A 115 -8.97 13.23 -7.19
C GLY A 115 -8.33 13.36 -8.55
N GLY A 116 -7.26 14.17 -8.67
CA GLY A 116 -6.51 14.27 -9.93
C GLY A 116 -5.05 14.02 -9.69
N VAL A 117 -4.69 13.15 -8.71
CA VAL A 117 -3.29 12.88 -8.38
C VAL A 117 -3.17 11.40 -8.10
N THR A 118 -1.98 10.77 -8.26
CA THR A 118 -1.87 9.33 -8.12
C THR A 118 -0.45 9.00 -7.75
N TYR A 119 -0.18 8.18 -6.71
CA TYR A 119 1.20 7.90 -6.32
C TYR A 119 1.54 6.54 -6.89
N GLU A 120 2.17 6.46 -8.08
CA GLU A 120 2.61 5.16 -8.59
C GLU A 120 3.92 4.82 -7.93
N ARG A 121 4.19 3.53 -7.59
CA ARG A 121 5.40 3.23 -6.82
C ARG A 121 5.85 1.84 -7.18
N VAL A 122 7.03 1.39 -6.69
CA VAL A 122 7.47 0.02 -7.00
C VAL A 122 8.14 -0.53 -5.76
N SER A 123 7.54 -1.54 -5.09
CA SER A 123 8.23 -2.20 -3.99
C SER A 123 8.92 -3.40 -4.60
N LYS A 124 10.24 -3.36 -4.87
CA LYS A 124 10.90 -4.48 -5.53
C LYS A 124 10.80 -5.71 -4.66
N ARG A 125 11.11 -6.92 -5.21
CA ARG A 125 10.94 -8.16 -4.45
C ARG A 125 12.32 -8.64 -4.07
N LEU A 126 12.78 -8.30 -2.84
CA LEU A 126 14.16 -8.58 -2.42
C LEU A 126 14.24 -8.33 -0.93
N ALA A 127 15.42 -8.02 -0.35
CA ALA A 127 15.49 -7.82 1.10
C ALA A 127 16.71 -7.01 1.45
N ALA A 1 -1.15 -15.95 -5.30
CA ALA A 1 -0.73 -14.65 -5.79
C ALA A 1 -0.37 -13.76 -4.63
N PHE A 2 0.30 -12.61 -4.89
CA PHE A 2 0.61 -11.66 -3.82
C PHE A 2 1.22 -12.35 -2.63
N THR A 3 2.52 -12.72 -2.70
CA THR A 3 3.17 -13.37 -1.56
C THR A 3 4.65 -13.17 -1.69
N GLY A 4 5.33 -12.57 -0.68
CA GLY A 4 6.78 -12.44 -0.77
C GLY A 4 7.28 -11.36 0.17
N LYS A 5 8.59 -11.05 0.11
CA LYS A 5 9.14 -9.93 0.87
C LYS A 5 9.55 -8.89 -0.12
N PHE A 6 9.37 -7.58 0.19
CA PHE A 6 9.66 -6.54 -0.78
C PHE A 6 10.13 -5.30 -0.06
N GLU A 7 10.69 -4.27 -0.75
CA GLU A 7 10.97 -3.01 -0.06
C GLU A 7 10.93 -1.85 -1.01
N MET A 8 10.62 -0.63 -0.53
CA MET A 8 10.37 0.48 -1.44
C MET A 8 11.65 0.91 -2.10
N GLU A 9 11.63 1.28 -3.41
CA GLU A 9 12.82 1.77 -4.09
C GLU A 9 12.61 3.21 -4.49
N SER A 10 11.55 3.50 -5.30
CA SER A 10 11.34 4.87 -5.78
C SER A 10 9.86 5.15 -5.88
N GLU A 11 9.47 6.41 -6.20
CA GLU A 11 8.07 6.80 -6.19
C GLU A 11 7.77 7.67 -7.39
N LYS A 12 6.49 8.05 -7.63
CA LYS A 12 6.14 8.92 -8.76
C LYS A 12 5.52 10.21 -8.27
N ASN A 13 4.36 10.18 -7.55
CA ASN A 13 3.71 11.41 -7.08
C ASN A 13 3.45 11.35 -5.59
N TYR A 14 4.39 10.71 -4.86
CA TYR A 14 4.22 10.52 -3.41
C TYR A 14 4.01 11.82 -2.67
N ASP A 15 4.90 12.81 -2.84
CA ASP A 15 4.77 14.03 -2.04
C ASP A 15 3.39 14.63 -2.19
N GLU A 16 2.96 14.94 -3.43
CA GLU A 16 1.67 15.62 -3.60
C GLU A 16 0.56 14.76 -3.05
N PHE A 17 0.47 13.47 -3.47
CA PHE A 17 -0.56 12.60 -2.90
C PHE A 17 -0.66 12.76 -1.41
N MET A 18 0.48 12.89 -0.71
CA MET A 18 0.45 12.99 0.74
C MET A 18 0.12 14.40 1.18
N LYS A 19 0.54 15.45 0.44
CA LYS A 19 0.21 16.80 0.87
C LYS A 19 -1.28 16.92 1.07
N LEU A 20 -2.09 16.22 0.25
CA LEU A 20 -3.55 16.30 0.36
C LEU A 20 -4.22 14.99 0.75
N LEU A 21 -3.49 13.87 0.98
CA LEU A 21 -4.11 12.74 1.68
C LEU A 21 -4.29 13.20 3.11
N GLY A 22 -3.22 13.78 3.71
CA GLY A 22 -3.31 14.38 5.05
C GLY A 22 -2.16 13.93 5.92
N ILE A 23 -0.89 14.26 5.56
CA ILE A 23 0.27 13.80 6.33
C ILE A 23 1.14 14.99 6.65
N SER A 24 1.98 14.92 7.71
CA SER A 24 2.77 16.09 8.12
C SER A 24 4.03 16.25 7.29
N SER A 25 4.52 17.51 7.08
CA SER A 25 5.72 17.74 6.27
C SER A 25 6.98 17.30 6.99
N ASP A 26 7.15 15.97 7.16
CA ASP A 26 8.34 15.40 7.78
C ASP A 26 8.25 13.89 7.64
N VAL A 27 7.16 13.26 8.13
CA VAL A 27 6.93 11.85 7.82
C VAL A 27 6.94 11.71 6.32
N ILE A 28 6.30 12.65 5.58
CA ILE A 28 6.37 12.62 4.12
C ILE A 28 7.83 12.45 3.75
N GLU A 29 8.70 13.43 4.07
CA GLU A 29 10.08 13.33 3.59
C GLU A 29 10.70 11.99 3.94
N LYS A 30 10.31 11.35 5.06
CA LYS A 30 10.98 10.10 5.44
C LYS A 30 10.67 9.02 4.44
N ALA A 31 9.43 8.49 4.37
CA ALA A 31 9.21 7.27 3.57
C ALA A 31 9.78 7.39 2.18
N ARG A 32 9.89 8.61 1.60
CA ARG A 32 10.50 8.71 0.29
C ARG A 32 11.92 8.20 0.35
N ASN A 33 12.82 8.84 1.15
CA ASN A 33 14.19 8.34 1.23
C ASN A 33 14.20 7.05 2.01
N PHE A 34 13.64 7.06 3.23
CA PHE A 34 13.62 5.88 4.09
C PHE A 34 12.96 4.73 3.35
N LYS A 35 13.68 3.63 3.05
CA LYS A 35 13.06 2.52 2.31
C LYS A 35 12.17 1.76 3.27
N ILE A 36 10.83 1.97 3.24
CA ILE A 36 9.93 1.18 4.09
C ILE A 36 9.92 -0.22 3.52
N VAL A 37 9.80 -1.27 4.37
CA VAL A 37 9.83 -2.65 3.90
C VAL A 37 8.41 -3.11 3.78
N THR A 38 8.15 -4.12 2.92
CA THR A 38 6.79 -4.59 2.71
C THR A 38 6.79 -6.09 2.56
N GLU A 39 6.00 -6.83 3.37
CA GLU A 39 5.86 -8.27 3.20
C GLU A 39 4.42 -8.54 2.86
N VAL A 40 4.12 -9.66 2.16
CA VAL A 40 2.73 -10.02 1.90
C VAL A 40 2.60 -11.52 2.02
N GLN A 41 1.47 -12.06 2.53
CA GLN A 41 1.26 -13.50 2.54
C GLN A 41 -0.22 -13.75 2.33
N GLN A 42 -0.67 -14.14 1.12
CA GLN A 42 -2.10 -14.28 0.89
C GLN A 42 -2.68 -15.36 1.77
N ASP A 43 -4.02 -15.43 1.90
CA ASP A 43 -4.65 -16.49 2.67
C ASP A 43 -6.01 -16.76 2.07
N GLY A 44 -6.03 -17.16 0.77
CA GLY A 44 -7.31 -17.31 0.08
C GLY A 44 -7.91 -15.94 -0.12
N GLN A 45 -9.26 -15.87 -0.17
CA GLN A 45 -9.96 -14.58 -0.24
C GLN A 45 -9.43 -13.66 0.83
N ASP A 46 -9.04 -14.15 2.03
CA ASP A 46 -8.39 -13.26 3.00
C ASP A 46 -6.95 -13.03 2.62
N PHE A 47 -6.37 -11.83 2.92
CA PHE A 47 -4.95 -11.57 2.68
C PHE A 47 -4.33 -11.24 4.02
N THR A 48 -2.98 -11.21 4.13
CA THR A 48 -2.35 -10.81 5.40
C THR A 48 -1.20 -9.91 5.01
N TRP A 49 -1.51 -8.65 4.62
CA TRP A 49 -0.46 -7.77 4.08
C TRP A 49 0.32 -7.16 5.21
N SER A 50 1.53 -6.61 4.97
CA SER A 50 2.14 -5.76 5.99
C SER A 50 3.12 -4.78 5.39
N GLN A 51 3.29 -3.58 5.99
CA GLN A 51 4.28 -2.62 5.52
C GLN A 51 5.20 -2.35 6.69
N HIS A 52 6.37 -3.05 6.79
CA HIS A 52 7.19 -2.93 7.99
C HIS A 52 8.05 -1.70 7.88
N TYR A 53 8.16 -0.87 8.94
CA TYR A 53 9.04 0.27 8.86
C TYR A 53 10.41 -0.29 9.16
N SER A 54 10.69 -0.67 10.43
CA SER A 54 11.98 -1.28 10.75
C SER A 54 11.85 -2.08 12.02
N GLY A 55 10.92 -3.05 12.05
CA GLY A 55 10.71 -3.82 13.27
C GLY A 55 10.22 -2.90 14.36
N GLY A 56 9.10 -2.18 14.13
CA GLY A 56 8.59 -1.27 15.16
C GLY A 56 7.25 -0.70 14.74
N HIS A 57 7.24 0.32 13.86
CA HIS A 57 5.98 0.82 13.29
C HIS A 57 5.66 -0.13 12.17
N THR A 58 5.21 -1.37 12.49
CA THR A 58 4.75 -2.27 11.44
C THR A 58 3.35 -1.81 11.12
N MET A 59 3.17 -1.00 10.05
CA MET A 59 1.82 -0.67 9.63
C MET A 59 1.32 -1.91 8.93
N THR A 60 0.00 -2.21 8.89
CA THR A 60 -0.44 -3.43 8.23
C THR A 60 -1.79 -3.28 7.57
N ASN A 61 -2.08 -4.08 6.51
CA ASN A 61 -3.34 -3.97 5.78
C ASN A 61 -3.91 -5.37 5.63
N LYS A 62 -4.48 -5.95 6.72
CA LYS A 62 -5.19 -7.22 6.56
C LYS A 62 -6.55 -6.89 5.98
N PHE A 63 -7.11 -7.75 5.10
CA PHE A 63 -8.43 -7.49 4.53
C PHE A 63 -8.94 -8.73 3.85
N THR A 64 -10.22 -8.74 3.40
CA THR A 64 -10.76 -9.88 2.66
C THR A 64 -11.42 -9.36 1.41
N VAL A 65 -11.16 -9.98 0.23
CA VAL A 65 -11.53 -9.36 -1.03
C VAL A 65 -12.93 -9.79 -1.42
N GLY A 66 -13.67 -8.97 -2.17
CA GLY A 66 -15.05 -9.29 -2.46
C GLY A 66 -15.85 -9.40 -1.18
N LYS A 67 -15.41 -8.76 -0.07
CA LYS A 67 -16.15 -8.90 1.20
C LYS A 67 -16.28 -7.61 1.99
N GLU A 68 -15.18 -6.85 2.21
CA GLU A 68 -15.23 -5.55 2.88
C GLU A 68 -14.71 -5.70 4.28
N SER A 69 -13.80 -4.81 4.72
CA SER A 69 -13.26 -4.90 6.07
C SER A 69 -12.68 -3.55 6.44
N ASN A 70 -12.47 -3.23 7.75
CA ASN A 70 -11.83 -1.97 8.08
C ASN A 70 -10.37 -2.09 7.69
N ILE A 71 -9.72 -1.00 7.21
CA ILE A 71 -8.32 -1.06 6.82
C ILE A 71 -7.66 0.18 7.41
N GLN A 72 -6.42 0.09 7.96
CA GLN A 72 -5.87 1.24 8.68
C GLN A 72 -5.36 2.28 7.71
N THR A 73 -4.81 1.86 6.56
CA THR A 73 -4.38 2.81 5.51
C THR A 73 -3.18 3.56 6.03
N MET A 74 -3.05 4.87 5.74
CA MET A 74 -1.77 5.51 6.00
C MET A 74 -1.59 5.67 7.49
N GLY A 75 -0.44 5.25 8.08
CA GLY A 75 -0.24 5.35 9.52
C GLY A 75 -1.44 4.77 10.24
N GLY A 76 -2.41 5.62 10.64
CA GLY A 76 -3.61 5.14 11.31
C GLY A 76 -4.80 5.99 10.93
N LYS A 77 -4.92 6.35 9.63
CA LYS A 77 -6.07 7.14 9.18
C LYS A 77 -7.12 6.11 8.80
N THR A 78 -7.71 5.41 9.79
CA THR A 78 -8.54 4.27 9.46
C THR A 78 -9.77 4.63 8.66
N PHE A 79 -9.99 3.99 7.49
CA PHE A 79 -11.27 4.08 6.79
C PHE A 79 -11.76 2.65 6.62
N LYS A 80 -12.91 2.43 5.96
CA LYS A 80 -13.33 1.07 5.60
C LYS A 80 -13.47 1.02 4.10
N ALA A 81 -13.28 -0.15 3.45
CA ALA A 81 -13.18 -0.17 1.99
C ALA A 81 -13.48 -1.54 1.44
N THR A 82 -13.88 -1.69 0.16
CA THR A 82 -14.17 -3.01 -0.39
C THR A 82 -13.01 -3.42 -1.26
N VAL A 83 -12.12 -4.31 -0.77
CA VAL A 83 -11.03 -4.78 -1.62
C VAL A 83 -11.64 -5.75 -2.61
N GLN A 84 -11.15 -5.79 -3.85
CA GLN A 84 -11.56 -6.80 -4.82
C GLN A 84 -10.29 -7.25 -5.52
N MET A 85 -10.38 -8.18 -6.48
CA MET A 85 -9.20 -8.68 -7.18
C MET A 85 -9.44 -8.61 -8.67
N GLU A 86 -8.36 -8.77 -9.46
CA GLU A 86 -8.52 -8.93 -10.90
C GLU A 86 -7.30 -9.62 -11.47
N GLY A 87 -7.22 -9.89 -12.80
CA GLY A 87 -6.14 -10.68 -13.37
C GLY A 87 -4.78 -10.50 -12.72
N GLY A 88 -4.39 -11.36 -11.76
CA GLY A 88 -3.06 -11.26 -11.16
C GLY A 88 -2.83 -9.87 -10.63
N LYS A 89 -3.85 -9.29 -9.95
CA LYS A 89 -3.79 -7.88 -9.58
C LYS A 89 -4.83 -7.60 -8.53
N LEU A 90 -4.68 -6.52 -7.73
CA LEU A 90 -5.54 -6.28 -6.59
C LEU A 90 -6.23 -4.95 -6.74
N VAL A 91 -7.44 -4.78 -6.15
CA VAL A 91 -8.19 -3.55 -6.33
C VAL A 91 -8.78 -3.10 -5.01
N VAL A 92 -8.89 -1.79 -4.71
CA VAL A 92 -9.60 -1.35 -3.52
C VAL A 92 -10.09 0.06 -3.71
N ASN A 93 -11.12 0.47 -2.95
CA ASN A 93 -11.64 1.83 -3.05
C ASN A 93 -12.08 2.27 -1.67
N PHE A 94 -11.55 3.40 -1.15
CA PHE A 94 -11.91 3.89 0.18
C PHE A 94 -12.83 5.07 -0.01
N PRO A 95 -13.67 5.54 0.94
CA PRO A 95 -14.45 6.75 0.70
C PRO A 95 -13.55 7.97 0.73
N ASN A 96 -12.67 8.12 -0.27
CA ASN A 96 -11.76 9.26 -0.35
C ASN A 96 -10.67 8.96 -1.37
N TYR A 97 -9.72 8.04 -1.04
CA TYR A 97 -8.66 7.68 -1.98
C TYR A 97 -9.00 6.35 -2.61
N HIS A 98 -8.22 5.91 -3.62
CA HIS A 98 -8.44 4.62 -4.27
C HIS A 98 -7.09 4.00 -4.49
N GLN A 99 -6.98 2.66 -4.62
CA GLN A 99 -5.65 2.07 -4.80
C GLN A 99 -5.78 0.75 -5.52
N THR A 100 -4.73 0.32 -6.27
CA THR A 100 -4.79 -0.94 -7.00
C THR A 100 -3.39 -1.55 -6.92
N SER A 101 -3.16 -2.61 -6.11
CA SER A 101 -1.81 -3.17 -6.02
C SER A 101 -1.61 -4.13 -7.16
N GLU A 102 -0.37 -4.51 -7.49
CA GLU A 102 -0.13 -5.35 -8.67
C GLU A 102 1.21 -6.05 -8.54
N ILE A 103 1.30 -7.39 -8.76
CA ILE A 103 2.60 -8.08 -8.73
C ILE A 103 3.12 -8.11 -10.15
N VAL A 104 4.46 -8.10 -10.34
CA VAL A 104 5.03 -8.09 -11.69
C VAL A 104 6.22 -9.02 -11.70
N GLY A 105 5.97 -10.36 -11.75
CA GLY A 105 7.07 -11.32 -11.83
C GLY A 105 7.76 -11.45 -10.49
N ASP A 106 8.73 -10.56 -10.20
CA ASP A 106 9.47 -10.61 -8.93
C ASP A 106 9.56 -9.21 -8.41
N LYS A 107 8.39 -8.58 -8.19
CA LYS A 107 8.36 -7.15 -7.85
C LYS A 107 6.94 -6.83 -7.43
N LEU A 108 6.73 -5.93 -6.42
CA LEU A 108 5.37 -5.51 -6.07
C LEU A 108 5.27 -4.06 -6.48
N VAL A 109 4.14 -3.63 -7.09
CA VAL A 109 3.99 -2.21 -7.42
C VAL A 109 2.60 -1.78 -7.01
N GLU A 110 2.36 -0.45 -6.84
CA GLU A 110 1.05 0.01 -6.42
C GLU A 110 0.66 1.26 -7.17
N VAL A 111 -0.63 1.67 -7.09
CA VAL A 111 -1.09 2.87 -7.78
C VAL A 111 -2.12 3.52 -6.86
N SER A 112 -1.78 4.59 -6.10
CA SER A 112 -2.78 5.20 -5.21
C SER A 112 -3.51 6.24 -6.03
N THR A 113 -4.61 6.84 -5.51
CA THR A 113 -5.38 7.77 -6.33
C THR A 113 -6.31 8.59 -5.46
N ILE A 114 -6.66 9.85 -5.81
CA ILE A 114 -7.54 10.63 -4.93
C ILE A 114 -8.20 11.83 -5.60
N GLY A 115 -7.49 12.72 -6.32
CA GLY A 115 -8.16 13.89 -6.88
C GLY A 115 -7.25 14.59 -7.88
N GLY A 116 -7.11 14.01 -9.10
CA GLY A 116 -6.15 14.57 -10.06
C GLY A 116 -4.73 14.28 -9.63
N VAL A 117 -4.49 13.20 -8.85
CA VAL A 117 -3.14 12.85 -8.41
C VAL A 117 -3.06 11.34 -8.37
N THR A 118 -1.88 10.72 -8.54
CA THR A 118 -1.79 9.26 -8.56
C THR A 118 -0.41 8.89 -8.06
N TYR A 119 -0.28 8.21 -6.90
CA TYR A 119 1.03 7.93 -6.35
C TYR A 119 1.36 6.49 -6.63
N GLU A 120 1.95 6.20 -7.83
CA GLU A 120 2.40 4.85 -8.13
C GLU A 120 3.80 4.61 -7.62
N ARG A 121 4.22 3.33 -7.47
CA ARG A 121 5.38 3.02 -6.65
C ARG A 121 5.84 1.61 -6.93
N VAL A 122 7.14 1.24 -6.70
CA VAL A 122 7.64 -0.05 -7.15
C VAL A 122 8.45 -0.75 -6.06
N SER A 123 7.82 -1.48 -5.10
CA SER A 123 8.64 -2.22 -4.14
C SER A 123 9.30 -3.36 -4.90
N LYS A 124 10.62 -3.60 -4.78
CA LYS A 124 11.26 -4.72 -5.49
C LYS A 124 11.21 -5.92 -4.57
N ARG A 125 11.49 -7.15 -5.05
CA ARG A 125 11.26 -8.37 -4.26
C ARG A 125 12.57 -8.88 -3.71
N LEU A 126 13.04 -8.25 -2.61
CA LEU A 126 14.35 -8.54 -2.04
C LEU A 126 14.41 -7.91 -0.66
N ALA A 127 15.59 -7.61 -0.09
CA ALA A 127 15.62 -6.96 1.22
C ALA A 127 16.94 -6.26 1.41
N ALA A 1 1.27 -14.97 -6.35
CA ALA A 1 -0.09 -14.69 -5.92
C ALA A 1 -0.06 -13.77 -4.73
N PHE A 2 0.56 -12.57 -4.88
CA PHE A 2 0.64 -11.64 -3.76
C PHE A 2 1.19 -12.36 -2.55
N THR A 3 2.43 -12.87 -2.64
CA THR A 3 3.00 -13.62 -1.51
C THR A 3 4.50 -13.54 -1.62
N GLY A 4 5.20 -12.83 -0.70
CA GLY A 4 6.64 -12.73 -0.80
C GLY A 4 7.15 -11.58 0.03
N LYS A 5 8.46 -11.24 -0.08
CA LYS A 5 9.01 -10.11 0.64
C LYS A 5 9.40 -9.04 -0.35
N PHE A 6 9.25 -7.74 0.00
CA PHE A 6 9.53 -6.68 -0.96
C PHE A 6 10.09 -5.48 -0.23
N GLU A 7 10.60 -4.44 -0.93
CA GLU A 7 10.93 -3.20 -0.24
C GLU A 7 10.86 -2.04 -1.20
N MET A 8 10.49 -0.83 -0.71
CA MET A 8 10.31 0.31 -1.61
C MET A 8 11.53 0.48 -2.47
N GLU A 9 11.41 0.69 -3.81
CA GLU A 9 12.59 0.93 -4.64
C GLU A 9 12.76 2.41 -4.90
N SER A 10 11.74 3.09 -5.50
CA SER A 10 11.91 4.47 -5.96
C SER A 10 10.78 5.40 -5.57
N GLU A 11 9.50 5.11 -5.93
CA GLU A 11 8.37 6.01 -5.69
C GLU A 11 8.22 7.00 -6.83
N LYS A 12 6.98 7.49 -7.05
CA LYS A 12 6.75 8.53 -8.05
C LYS A 12 5.44 9.23 -7.73
N ASN A 13 5.34 10.58 -7.84
CA ASN A 13 4.13 11.28 -7.41
C ASN A 13 3.82 11.11 -5.94
N TYR A 14 4.80 10.66 -5.11
CA TYR A 14 4.56 10.51 -3.67
C TYR A 14 4.27 11.83 -2.98
N ASP A 15 5.07 12.89 -3.19
CA ASP A 15 4.94 14.07 -2.33
C ASP A 15 3.56 14.69 -2.38
N GLU A 16 3.12 15.20 -3.55
CA GLU A 16 1.84 15.90 -3.58
C GLU A 16 0.72 14.97 -3.16
N PHE A 17 0.69 13.71 -3.62
CA PHE A 17 -0.35 12.81 -3.14
C PHE A 17 -0.56 12.91 -1.64
N MET A 18 0.53 13.04 -0.86
CA MET A 18 0.42 13.05 0.58
C MET A 18 -0.06 14.40 1.05
N LYS A 19 0.36 15.51 0.38
CA LYS A 19 -0.13 16.82 0.79
C LYS A 19 -1.64 16.88 0.62
N LEU A 20 -2.23 16.23 -0.42
CA LEU A 20 -3.69 16.17 -0.51
C LEU A 20 -4.20 15.17 0.51
N LEU A 21 -3.65 13.93 0.51
CA LEU A 21 -4.18 12.86 1.36
C LEU A 21 -4.44 13.37 2.76
N GLY A 22 -3.52 14.21 3.31
CA GLY A 22 -3.73 14.82 4.60
C GLY A 22 -2.68 14.30 5.56
N ILE A 23 -1.39 14.67 5.33
CA ILE A 23 -0.30 14.12 6.13
C ILE A 23 0.57 15.27 6.61
N SER A 24 1.35 15.10 7.71
CA SER A 24 2.12 16.22 8.25
C SER A 24 3.46 16.36 7.57
N SER A 25 3.88 17.58 7.17
CA SER A 25 5.14 17.74 6.45
C SER A 25 6.28 16.97 7.10
N ASP A 26 6.38 16.98 8.44
CA ASP A 26 7.49 16.30 9.09
C ASP A 26 7.56 14.86 8.62
N VAL A 27 6.41 14.14 8.66
CA VAL A 27 6.43 12.73 8.28
C VAL A 27 6.35 12.59 6.77
N ILE A 28 5.83 13.58 6.00
CA ILE A 28 5.89 13.44 4.55
C ILE A 28 7.35 13.24 4.17
N GLU A 29 8.27 14.06 4.72
CA GLU A 29 9.68 13.89 4.37
C GLU A 29 10.16 12.49 4.70
N LYS A 30 9.66 11.84 5.77
CA LYS A 30 10.14 10.50 6.09
C LYS A 30 9.84 9.58 4.94
N ALA A 31 8.54 9.29 4.65
CA ALA A 31 8.23 8.34 3.58
C ALA A 31 8.54 8.89 2.21
N ARG A 32 9.00 10.16 2.05
CA ARG A 32 9.51 10.59 0.75
C ARG A 32 10.75 9.79 0.44
N ASN A 33 11.71 9.71 1.39
CA ASN A 33 12.98 9.04 1.11
C ASN A 33 13.41 8.15 2.26
N PHE A 34 12.45 7.36 2.81
CA PHE A 34 12.78 6.34 3.79
C PHE A 34 12.46 5.01 3.15
N LYS A 35 13.33 3.97 3.27
CA LYS A 35 12.96 2.68 2.71
C LYS A 35 11.90 2.10 3.63
N ILE A 36 10.94 1.33 3.07
CA ILE A 36 9.89 0.71 3.88
C ILE A 36 9.85 -0.72 3.39
N VAL A 37 9.99 -1.74 4.28
CA VAL A 37 9.97 -3.11 3.81
C VAL A 37 8.52 -3.49 3.74
N THR A 38 8.17 -4.40 2.80
CA THR A 38 6.77 -4.76 2.61
C THR A 38 6.74 -6.25 2.46
N GLU A 39 5.95 -6.97 3.28
CA GLU A 39 5.85 -8.42 3.16
C GLU A 39 4.40 -8.75 2.93
N VAL A 40 4.09 -9.84 2.20
CA VAL A 40 2.70 -10.21 1.98
C VAL A 40 2.58 -11.71 2.10
N GLN A 41 1.46 -12.24 2.65
CA GLN A 41 1.21 -13.67 2.62
C GLN A 41 -0.26 -13.86 2.32
N GLN A 42 -0.64 -13.88 1.02
CA GLN A 42 -2.05 -14.00 0.65
C GLN A 42 -2.58 -15.31 1.17
N ASP A 43 -3.89 -15.39 1.48
CA ASP A 43 -4.44 -16.57 2.14
C ASP A 43 -5.86 -16.76 1.65
N GLY A 44 -6.02 -17.12 0.36
CA GLY A 44 -7.38 -17.20 -0.18
C GLY A 44 -7.98 -15.82 -0.26
N GLN A 45 -9.33 -15.75 -0.27
CA GLN A 45 -10.03 -14.46 -0.21
C GLN A 45 -9.41 -13.58 0.87
N ASP A 46 -8.99 -14.13 2.02
CA ASP A 46 -8.32 -13.31 3.03
C ASP A 46 -6.88 -13.05 2.63
N PHE A 47 -6.31 -11.87 2.98
CA PHE A 47 -4.90 -11.58 2.75
C PHE A 47 -4.29 -11.23 4.08
N THR A 48 -2.93 -11.23 4.19
CA THR A 48 -2.28 -10.88 5.46
C THR A 48 -1.13 -9.97 5.08
N TRP A 49 -1.43 -8.71 4.70
CA TRP A 49 -0.38 -7.84 4.15
C TRP A 49 0.45 -7.29 5.28
N SER A 50 1.67 -6.75 5.01
CA SER A 50 2.35 -5.97 6.04
C SER A 50 3.26 -4.92 5.43
N GLN A 51 3.54 -3.83 6.18
CA GLN A 51 4.38 -2.75 5.65
C GLN A 51 5.34 -2.40 6.77
N HIS A 52 6.52 -3.07 6.83
CA HIS A 52 7.39 -2.89 7.98
C HIS A 52 8.17 -1.60 7.84
N TYR A 53 8.37 -0.84 8.94
CA TYR A 53 9.18 0.38 8.84
C TYR A 53 10.58 -0.07 9.22
N SER A 54 11.25 -0.83 8.32
CA SER A 54 12.56 -1.39 8.63
C SER A 54 12.43 -2.44 9.71
N GLY A 55 12.14 -2.06 10.98
CA GLY A 55 11.99 -3.09 12.01
C GLY A 55 11.53 -2.49 13.33
N GLY A 56 10.28 -2.00 13.40
CA GLY A 56 9.78 -1.44 14.66
C GLY A 56 8.33 -1.05 14.53
N HIS A 57 8.03 0.07 13.85
CA HIS A 57 6.63 0.42 13.56
C HIS A 57 6.22 -0.51 12.45
N THR A 58 5.88 -1.78 12.77
CA THR A 58 5.33 -2.66 11.75
C THR A 58 3.89 -2.27 11.59
N MET A 59 3.55 -1.49 10.54
CA MET A 59 2.14 -1.25 10.26
C MET A 59 1.67 -2.46 9.49
N THR A 60 0.37 -2.82 9.51
CA THR A 60 -0.09 -3.93 8.68
C THR A 60 -1.43 -3.63 8.07
N ASN A 61 -1.75 -4.26 6.91
CA ASN A 61 -3.01 -4.02 6.23
C ASN A 61 -3.65 -5.37 5.97
N LYS A 62 -4.20 -6.01 7.02
CA LYS A 62 -4.92 -7.26 6.79
C LYS A 62 -6.23 -6.92 6.12
N PHE A 63 -6.74 -7.77 5.20
CA PHE A 63 -8.05 -7.50 4.60
C PHE A 63 -8.62 -8.72 3.94
N THR A 64 -9.93 -8.70 3.60
CA THR A 64 -10.54 -9.79 2.85
C THR A 64 -11.18 -9.20 1.62
N VAL A 65 -10.99 -9.81 0.43
CA VAL A 65 -11.37 -9.15 -0.81
C VAL A 65 -12.81 -9.51 -1.09
N GLY A 66 -13.58 -8.67 -1.81
CA GLY A 66 -15.00 -8.95 -1.97
C GLY A 66 -15.69 -8.97 -0.62
N LYS A 67 -15.12 -8.33 0.44
CA LYS A 67 -15.77 -8.33 1.75
C LYS A 67 -15.62 -6.96 2.39
N GLU A 68 -14.38 -6.52 2.69
CA GLU A 68 -14.06 -5.21 3.27
C GLU A 68 -13.54 -5.42 4.66
N SER A 69 -12.71 -4.47 5.16
CA SER A 69 -12.23 -4.56 6.53
C SER A 69 -11.84 -3.17 6.99
N ASN A 70 -11.59 -2.94 8.30
CA ASN A 70 -11.21 -1.59 8.72
C ASN A 70 -9.73 -1.45 8.40
N ILE A 71 -9.37 -1.01 7.17
CA ILE A 71 -7.97 -1.02 6.74
C ILE A 71 -7.30 0.24 7.25
N GLN A 72 -6.01 0.16 7.67
CA GLN A 72 -5.29 1.33 8.19
C GLN A 72 -4.38 1.92 7.14
N THR A 73 -4.97 2.30 5.97
CA THR A 73 -4.19 2.99 4.93
C THR A 73 -3.40 4.14 5.49
N MET A 74 -2.39 4.64 4.74
CA MET A 74 -1.64 5.81 5.17
C MET A 74 -2.61 6.87 5.63
N GLY A 75 -2.29 7.62 6.71
CA GLY A 75 -3.26 8.56 7.28
C GLY A 75 -3.02 8.70 8.76
N GLY A 76 -3.91 9.42 9.46
CA GLY A 76 -3.81 9.56 10.91
C GLY A 76 -4.94 8.83 11.59
N LYS A 77 -5.54 7.78 10.97
CA LYS A 77 -6.67 7.10 11.58
C LYS A 77 -6.89 5.75 10.93
N THR A 78 -7.81 4.90 11.44
CA THR A 78 -8.17 3.68 10.71
C THR A 78 -9.24 4.08 9.72
N PHE A 79 -9.43 3.29 8.64
CA PHE A 79 -10.49 3.57 7.67
C PHE A 79 -11.19 2.27 7.37
N LYS A 80 -12.24 2.29 6.51
CA LYS A 80 -12.85 1.04 6.06
C LYS A 80 -12.94 1.10 4.55
N ALA A 81 -12.73 -0.03 3.82
CA ALA A 81 -12.58 0.04 2.37
C ALA A 81 -12.77 -1.33 1.77
N THR A 82 -13.37 -1.45 0.57
CA THR A 82 -13.66 -2.77 0.02
C THR A 82 -12.55 -3.19 -0.92
N VAL A 83 -11.69 -4.16 -0.52
CA VAL A 83 -10.68 -4.65 -1.44
C VAL A 83 -11.39 -5.59 -2.39
N GLN A 84 -10.94 -5.66 -3.66
CA GLN A 84 -11.44 -6.65 -4.61
C GLN A 84 -10.21 -7.15 -5.34
N MET A 85 -10.37 -8.05 -6.32
CA MET A 85 -9.21 -8.74 -6.89
C MET A 85 -9.55 -9.19 -8.28
N GLU A 86 -8.56 -9.27 -9.21
CA GLU A 86 -8.89 -9.76 -10.55
C GLU A 86 -7.69 -10.42 -11.18
N GLY A 87 -7.87 -11.20 -12.27
CA GLY A 87 -6.75 -11.93 -12.86
C GLY A 87 -5.71 -10.95 -13.35
N GLY A 88 -4.73 -10.59 -12.49
CA GLY A 88 -3.68 -9.65 -12.90
C GLY A 88 -3.31 -8.71 -11.78
N LYS A 89 -4.29 -8.20 -10.98
CA LYS A 89 -3.94 -7.20 -9.98
C LYS A 89 -4.97 -7.11 -8.89
N LEU A 90 -4.64 -6.36 -7.82
CA LEU A 90 -5.52 -6.22 -6.67
C LEU A 90 -6.19 -4.88 -6.76
N VAL A 91 -7.40 -4.71 -6.19
CA VAL A 91 -8.13 -3.46 -6.33
C VAL A 91 -8.64 -3.00 -4.98
N VAL A 92 -8.71 -1.69 -4.67
CA VAL A 92 -9.38 -1.26 -3.45
C VAL A 92 -9.87 0.16 -3.59
N ASN A 93 -10.87 0.56 -2.78
CA ASN A 93 -11.37 1.94 -2.80
C ASN A 93 -11.84 2.31 -1.42
N PHE A 94 -11.64 3.58 -1.01
CA PHE A 94 -11.95 4.04 0.35
C PHE A 94 -12.89 5.21 0.21
N PRO A 95 -13.61 5.73 1.24
CA PRO A 95 -14.31 7.00 1.07
C PRO A 95 -13.31 8.14 1.18
N ASN A 96 -12.26 8.18 0.32
CA ASN A 96 -11.23 9.23 0.40
C ASN A 96 -10.29 9.09 -0.78
N TYR A 97 -9.40 8.06 -0.77
CA TYR A 97 -8.44 7.82 -1.85
C TYR A 97 -8.80 6.51 -2.52
N HIS A 98 -8.03 6.06 -3.54
CA HIS A 98 -8.26 4.76 -4.18
C HIS A 98 -6.90 4.14 -4.44
N GLN A 99 -6.80 2.79 -4.59
CA GLN A 99 -5.49 2.19 -4.82
C GLN A 99 -5.65 0.85 -5.49
N THR A 100 -4.64 0.38 -6.26
CA THR A 100 -4.73 -0.89 -6.98
C THR A 100 -3.37 -1.54 -6.88
N SER A 101 -3.16 -2.56 -6.02
CA SER A 101 -1.83 -3.16 -5.91
C SER A 101 -1.64 -4.07 -7.10
N GLU A 102 -0.40 -4.47 -7.44
CA GLU A 102 -0.18 -5.20 -8.69
C GLU A 102 1.13 -5.95 -8.63
N ILE A 103 1.12 -7.31 -8.71
CA ILE A 103 2.37 -8.07 -8.73
C ILE A 103 2.81 -8.24 -10.16
N VAL A 104 4.15 -8.34 -10.41
CA VAL A 104 4.64 -8.49 -11.78
C VAL A 104 5.76 -9.51 -11.75
N GLY A 105 5.42 -10.82 -11.62
CA GLY A 105 6.45 -11.86 -11.60
C GLY A 105 7.17 -11.86 -10.28
N ASP A 106 8.18 -10.98 -10.10
CA ASP A 106 8.96 -10.95 -8.86
C ASP A 106 9.18 -9.49 -8.51
N LYS A 107 8.04 -8.79 -8.25
CA LYS A 107 8.09 -7.35 -8.05
C LYS A 107 6.70 -6.93 -7.59
N LEU A 108 6.56 -6.04 -6.58
CA LEU A 108 5.24 -5.56 -6.19
C LEU A 108 5.21 -4.10 -6.57
N VAL A 109 4.11 -3.61 -7.21
CA VAL A 109 3.99 -2.18 -7.48
C VAL A 109 2.58 -1.78 -7.11
N GLU A 110 2.31 -0.48 -6.89
CA GLU A 110 0.95 -0.05 -6.57
C GLU A 110 0.64 1.24 -7.27
N VAL A 111 -0.64 1.67 -7.32
CA VAL A 111 -0.99 2.95 -7.95
C VAL A 111 -2.03 3.60 -7.08
N SER A 112 -1.65 4.54 -6.18
CA SER A 112 -2.65 5.21 -5.34
C SER A 112 -3.35 6.28 -6.14
N THR A 113 -4.44 6.87 -5.63
CA THR A 113 -5.24 7.82 -6.40
C THR A 113 -6.10 8.66 -5.50
N ILE A 114 -6.39 9.94 -5.85
CA ILE A 114 -7.24 10.75 -4.99
C ILE A 114 -7.85 11.90 -5.77
N GLY A 115 -8.85 11.57 -6.61
CA GLY A 115 -9.54 12.61 -7.38
C GLY A 115 -8.63 13.36 -8.32
N GLY A 116 -7.47 12.80 -8.74
CA GLY A 116 -6.63 13.50 -9.71
C GLY A 116 -5.17 13.18 -9.52
N VAL A 117 -4.67 13.27 -8.26
CA VAL A 117 -3.24 13.03 -8.01
C VAL A 117 -3.08 11.55 -7.74
N THR A 118 -1.88 10.97 -8.01
CA THR A 118 -1.66 9.54 -7.79
C THR A 118 -0.41 9.39 -6.96
N TYR A 119 -0.17 8.19 -6.38
CA TYR A 119 1.14 7.91 -5.79
C TYR A 119 1.49 6.48 -6.14
N GLU A 120 2.19 6.25 -7.29
CA GLU A 120 2.57 4.89 -7.65
C GLU A 120 3.92 4.56 -7.06
N ARG A 121 4.29 3.25 -7.01
CA ARG A 121 5.52 2.89 -6.31
C ARG A 121 5.97 1.53 -6.75
N VAL A 122 7.23 1.12 -6.45
CA VAL A 122 7.78 -0.10 -7.03
C VAL A 122 8.47 -0.84 -5.92
N SER A 123 7.75 -1.61 -5.09
CA SER A 123 8.42 -2.35 -4.04
C SER A 123 9.01 -3.58 -4.69
N LYS A 124 10.32 -3.57 -5.05
CA LYS A 124 10.95 -4.71 -5.72
C LYS A 124 10.91 -5.93 -4.82
N ARG A 125 11.25 -7.15 -5.31
CA ARG A 125 11.06 -8.39 -4.53
C ARG A 125 12.41 -8.87 -4.04
N LEU A 126 12.88 -8.33 -2.89
CA LEU A 126 14.21 -8.63 -2.36
C LEU A 126 14.29 -8.01 -0.97
N ALA A 127 15.48 -7.72 -0.42
CA ALA A 127 15.54 -7.05 0.88
C ALA A 127 16.92 -6.46 1.11
N ALA A 1 0.29 -14.31 -7.14
CA ALA A 1 0.97 -14.85 -5.98
C ALA A 1 0.79 -13.94 -4.79
N PHE A 2 1.21 -12.66 -4.87
CA PHE A 2 1.07 -11.75 -3.73
C PHE A 2 1.62 -12.42 -2.50
N THR A 3 2.94 -12.72 -2.49
CA THR A 3 3.52 -13.39 -1.34
C THR A 3 5.02 -13.16 -1.36
N GLY A 4 5.61 -12.57 -0.30
CA GLY A 4 7.06 -12.40 -0.28
C GLY A 4 7.44 -11.21 0.57
N LYS A 5 8.76 -10.98 0.77
CA LYS A 5 9.18 -9.73 1.41
C LYS A 5 9.44 -8.75 0.28
N PHE A 6 9.17 -7.45 0.51
CA PHE A 6 9.40 -6.45 -0.52
C PHE A 6 9.90 -5.18 0.13
N GLU A 7 10.47 -4.21 -0.62
CA GLU A 7 10.93 -2.97 0.01
C GLU A 7 10.72 -1.79 -0.92
N MET A 8 10.05 -0.69 -0.48
CA MET A 8 9.81 0.45 -1.37
C MET A 8 11.10 0.83 -2.06
N GLU A 9 11.24 0.60 -3.39
CA GLU A 9 12.49 0.96 -4.07
C GLU A 9 12.44 2.43 -4.43
N SER A 10 11.38 2.87 -5.14
CA SER A 10 11.30 4.25 -5.61
C SER A 10 9.87 4.67 -5.78
N GLU A 11 9.60 5.97 -6.07
CA GLU A 11 8.22 6.43 -6.22
C GLU A 11 8.11 7.52 -7.26
N LYS A 12 6.86 7.90 -7.62
CA LYS A 12 6.64 9.14 -8.38
C LYS A 12 5.36 9.75 -7.88
N ASN A 13 5.17 11.09 -8.01
CA ASN A 13 3.93 11.71 -7.53
C ASN A 13 3.59 11.36 -6.09
N TYR A 14 4.58 10.94 -5.26
CA TYR A 14 4.31 10.62 -3.86
C TYR A 14 4.15 11.90 -3.05
N ASP A 15 5.10 12.85 -3.17
CA ASP A 15 5.05 14.01 -2.30
C ASP A 15 3.70 14.69 -2.37
N GLU A 16 3.26 15.10 -3.58
CA GLU A 16 1.98 15.81 -3.68
C GLU A 16 0.86 14.93 -3.18
N PHE A 17 0.71 13.68 -3.68
CA PHE A 17 -0.36 12.82 -3.17
C PHE A 17 -0.48 12.89 -1.67
N MET A 18 0.67 12.88 -0.97
CA MET A 18 0.62 12.86 0.49
C MET A 18 0.30 14.25 1.00
N LYS A 19 0.76 15.33 0.35
CA LYS A 19 0.41 16.67 0.82
C LYS A 19 -1.08 16.87 0.65
N LEU A 20 -1.74 16.34 -0.42
CA LEU A 20 -3.20 16.42 -0.51
C LEU A 20 -3.78 15.50 0.56
N LEU A 21 -3.33 14.22 0.60
CA LEU A 21 -3.89 13.24 1.52
C LEU A 21 -3.94 13.85 2.91
N GLY A 22 -2.86 14.57 3.30
CA GLY A 22 -2.84 15.34 4.53
C GLY A 22 -1.72 14.87 5.44
N ILE A 23 -0.45 14.93 4.98
CA ILE A 23 0.68 14.46 5.78
C ILE A 23 1.71 15.58 5.86
N SER A 24 2.55 15.61 6.91
CA SER A 24 3.50 16.73 7.06
C SER A 24 4.65 16.68 6.07
N SER A 25 5.33 17.83 5.83
CA SER A 25 6.48 17.86 4.92
C SER A 25 7.72 17.49 5.71
N ASP A 26 7.77 16.22 6.19
CA ASP A 26 8.89 15.75 6.99
C ASP A 26 8.80 14.24 7.10
N VAL A 27 7.66 13.72 7.60
CA VAL A 27 7.42 12.28 7.50
C VAL A 27 7.48 11.93 6.04
N ILE A 28 6.81 12.71 5.15
CA ILE A 28 6.91 12.45 3.72
C ILE A 28 8.37 12.38 3.36
N GLU A 29 9.14 13.45 3.65
CA GLU A 29 10.51 13.53 3.15
C GLU A 29 11.28 12.31 3.59
N LYS A 30 11.04 11.80 4.81
CA LYS A 30 11.77 10.61 5.26
C LYS A 30 11.18 9.43 4.56
N ALA A 31 9.89 9.11 4.82
CA ALA A 31 9.30 7.90 4.26
C ALA A 31 9.75 7.59 2.84
N ARG A 32 9.91 8.62 1.97
CA ARG A 32 10.36 8.34 0.61
C ARG A 32 11.85 8.06 0.57
N ASN A 33 12.70 8.85 1.26
CA ASN A 33 14.15 8.58 1.21
C ASN A 33 14.40 7.36 2.06
N PHE A 34 13.95 7.40 3.34
CA PHE A 34 14.01 6.22 4.20
C PHE A 34 13.41 5.07 3.43
N LYS A 35 14.17 4.00 3.10
CA LYS A 35 13.54 2.86 2.44
C LYS A 35 12.51 2.31 3.40
N ILE A 36 11.48 1.61 2.90
CA ILE A 36 10.43 1.10 3.79
C ILE A 36 10.19 -0.34 3.39
N VAL A 37 9.69 -1.19 4.32
CA VAL A 37 9.58 -2.62 4.03
C VAL A 37 8.13 -2.92 3.78
N THR A 38 7.87 -4.01 3.03
CA THR A 38 6.50 -4.46 2.79
C THR A 38 6.51 -5.96 2.70
N GLU A 39 5.75 -6.69 3.56
CA GLU A 39 5.71 -8.15 3.48
C GLU A 39 4.30 -8.53 3.11
N VAL A 40 4.12 -9.71 2.46
CA VAL A 40 2.76 -10.16 2.13
C VAL A 40 2.71 -11.66 2.25
N GLN A 41 1.56 -12.25 2.66
CA GLN A 41 1.39 -13.69 2.53
C GLN A 41 -0.08 -13.91 2.26
N GLN A 42 -0.49 -14.01 0.97
CA GLN A 42 -1.91 -14.11 0.67
C GLN A 42 -2.44 -15.41 1.24
N ASP A 43 -3.78 -15.53 1.43
CA ASP A 43 -4.34 -16.69 2.11
C ASP A 43 -5.71 -16.97 1.53
N GLY A 44 -5.75 -17.36 0.23
CA GLY A 44 -7.04 -17.50 -0.42
C GLY A 44 -7.66 -16.13 -0.54
N GLN A 45 -9.01 -16.08 -0.57
CA GLN A 45 -9.71 -14.80 -0.58
C GLN A 45 -9.19 -13.92 0.53
N ASP A 46 -8.85 -14.47 1.72
CA ASP A 46 -8.26 -13.64 2.78
C ASP A 46 -6.80 -13.34 2.49
N PHE A 47 -6.23 -12.25 3.05
CA PHE A 47 -4.82 -11.91 2.85
C PHE A 47 -4.19 -11.55 4.18
N THR A 48 -2.83 -11.50 4.24
CA THR A 48 -2.15 -11.12 5.47
C THR A 48 -1.09 -10.11 5.07
N TRP A 49 -1.50 -8.89 4.65
CA TRP A 49 -0.52 -7.93 4.17
C TRP A 49 0.19 -7.35 5.35
N SER A 50 1.40 -6.77 5.18
CA SER A 50 1.96 -5.99 6.27
C SER A 50 2.93 -4.95 5.76
N GLN A 51 3.16 -3.85 6.51
CA GLN A 51 4.15 -2.86 6.12
C GLN A 51 5.05 -2.66 7.32
N HIS A 52 6.38 -2.42 7.18
CA HIS A 52 7.23 -2.29 8.36
C HIS A 52 8.15 -1.11 8.16
N TYR A 53 8.41 -0.29 9.20
CA TYR A 53 9.22 0.90 8.97
C TYR A 53 9.82 1.42 10.25
N SER A 54 10.72 0.60 10.87
CA SER A 54 11.49 0.98 12.06
C SER A 54 11.52 -0.23 12.97
N GLY A 55 12.61 -0.45 13.74
CA GLY A 55 12.63 -1.59 14.66
C GLY A 55 11.58 -1.36 15.72
N GLY A 56 10.32 -1.74 15.46
CA GLY A 56 9.23 -1.48 16.40
C GLY A 56 7.97 -1.17 15.64
N HIS A 57 8.00 -0.18 14.73
CA HIS A 57 6.79 0.13 13.98
C HIS A 57 6.47 -1.01 13.06
N THR A 58 5.18 -1.44 12.99
CA THR A 58 4.75 -2.34 11.92
C THR A 58 3.29 -2.07 11.66
N MET A 59 2.91 -1.40 10.55
CA MET A 59 1.49 -1.22 10.25
C MET A 59 1.03 -2.51 9.61
N THR A 60 -0.26 -2.89 9.65
CA THR A 60 -0.67 -4.12 8.97
C THR A 60 -2.02 -3.99 8.30
N ASN A 61 -2.23 -4.66 7.14
CA ASN A 61 -3.47 -4.55 6.40
C ASN A 61 -3.94 -5.94 6.02
N LYS A 62 -4.42 -6.74 6.99
CA LYS A 62 -5.09 -7.99 6.60
C LYS A 62 -6.36 -7.59 5.87
N PHE A 63 -6.83 -8.38 4.88
CA PHE A 63 -8.07 -8.02 4.20
C PHE A 63 -8.63 -9.20 3.47
N THR A 64 -9.89 -9.11 2.98
CA THR A 64 -10.51 -10.21 2.25
C THR A 64 -11.07 -9.63 0.97
N VAL A 65 -10.75 -10.23 -0.21
CA VAL A 65 -11.05 -9.57 -1.48
C VAL A 65 -12.46 -9.97 -1.86
N GLY A 66 -13.27 -9.05 -2.43
CA GLY A 66 -14.65 -9.40 -2.70
C GLY A 66 -15.43 -9.48 -1.41
N LYS A 67 -14.92 -8.92 -0.27
CA LYS A 67 -15.71 -8.91 0.96
C LYS A 67 -15.59 -7.56 1.64
N GLU A 68 -14.41 -7.21 2.21
CA GLU A 68 -14.16 -5.91 2.85
C GLU A 68 -13.58 -6.14 4.23
N SER A 69 -12.85 -5.15 4.79
CA SER A 69 -12.32 -5.28 6.15
C SER A 69 -11.97 -3.91 6.69
N ASN A 70 -11.89 -3.73 8.03
CA ASN A 70 -11.50 -2.44 8.58
C ASN A 70 -10.03 -2.23 8.27
N ILE A 71 -9.68 -1.77 7.04
CA ILE A 71 -8.27 -1.63 6.67
C ILE A 71 -7.72 -0.35 7.25
N GLN A 72 -6.51 -0.38 7.87
CA GLN A 72 -5.90 0.85 8.38
C GLN A 72 -5.05 1.42 7.27
N THR A 73 -4.86 2.76 7.22
CA THR A 73 -4.30 3.38 6.02
C THR A 73 -3.18 4.33 6.35
N MET A 74 -2.52 4.89 5.30
CA MET A 74 -1.47 5.88 5.51
C MET A 74 -2.07 7.26 5.35
N GLY A 75 -3.25 7.53 5.96
CA GLY A 75 -3.98 8.76 5.65
C GLY A 75 -4.65 9.33 6.88
N GLY A 76 -5.89 9.86 6.77
CA GLY A 76 -6.51 10.52 7.91
C GLY A 76 -6.92 9.52 8.96
N LYS A 77 -7.48 8.36 8.57
CA LYS A 77 -8.04 7.44 9.56
C LYS A 77 -8.24 6.05 8.99
N THR A 78 -8.56 5.03 9.82
CA THR A 78 -8.86 3.72 9.26
C THR A 78 -10.18 3.77 8.53
N PHE A 79 -10.48 2.73 7.71
CA PHE A 79 -11.78 2.67 7.03
C PHE A 79 -12.15 1.23 6.80
N LYS A 80 -13.42 0.96 6.39
CA LYS A 80 -13.81 -0.39 6.00
C LYS A 80 -13.84 -0.40 4.49
N ALA A 81 -12.64 -0.46 3.87
CA ALA A 81 -12.56 -0.37 2.41
C ALA A 81 -12.87 -1.72 1.80
N THR A 82 -13.25 -1.78 0.50
CA THR A 82 -13.59 -3.06 -0.12
C THR A 82 -12.49 -3.47 -1.07
N VAL A 83 -11.65 -4.48 -0.70
CA VAL A 83 -10.61 -4.93 -1.63
C VAL A 83 -11.28 -5.85 -2.63
N GLN A 84 -10.77 -5.90 -3.88
CA GLN A 84 -11.25 -6.86 -4.88
C GLN A 84 -10.04 -7.27 -5.68
N MET A 85 -10.20 -8.07 -6.74
CA MET A 85 -9.05 -8.54 -7.52
C MET A 85 -9.37 -8.39 -8.99
N GLU A 86 -8.37 -8.24 -9.89
CA GLU A 86 -8.67 -8.19 -11.32
C GLU A 86 -7.63 -8.96 -12.10
N GLY A 87 -7.58 -10.30 -11.90
CA GLY A 87 -6.63 -11.15 -12.61
C GLY A 87 -5.36 -11.25 -11.82
N GLY A 88 -4.20 -10.80 -12.36
CA GLY A 88 -2.95 -10.82 -11.59
C GLY A 88 -2.72 -9.43 -11.04
N LYS A 89 -3.76 -8.81 -10.45
CA LYS A 89 -3.64 -7.44 -9.99
C LYS A 89 -4.69 -7.21 -8.92
N LEU A 90 -4.48 -6.27 -7.96
CA LEU A 90 -5.40 -6.12 -6.83
C LEU A 90 -6.12 -4.80 -6.88
N VAL A 91 -7.30 -4.68 -6.25
CA VAL A 91 -8.10 -3.45 -6.33
C VAL A 91 -8.56 -3.05 -4.96
N VAL A 92 -8.66 -1.74 -4.61
CA VAL A 92 -9.30 -1.35 -3.36
C VAL A 92 -9.81 0.07 -3.46
N ASN A 93 -10.79 0.46 -2.60
CA ASN A 93 -11.34 1.80 -2.65
C ASN A 93 -11.74 2.21 -1.24
N PHE A 94 -11.15 3.31 -0.71
CA PHE A 94 -11.50 3.80 0.64
C PHE A 94 -12.49 4.92 0.41
N PRO A 95 -13.30 5.42 1.37
CA PRO A 95 -14.13 6.60 1.10
C PRO A 95 -13.28 7.85 1.19
N ASN A 96 -12.22 7.97 0.37
CA ASN A 96 -11.31 9.12 0.43
C ASN A 96 -10.34 9.02 -0.72
N TYR A 97 -9.39 8.06 -0.68
CA TYR A 97 -8.46 7.82 -1.78
C TYR A 97 -8.82 6.48 -2.40
N HIS A 98 -8.16 6.07 -3.50
CA HIS A 98 -8.40 4.77 -4.14
C HIS A 98 -7.05 4.18 -4.42
N GLN A 99 -6.91 2.83 -4.52
CA GLN A 99 -5.60 2.27 -4.77
C GLN A 99 -5.76 0.93 -5.46
N THR A 100 -4.74 0.47 -6.22
CA THR A 100 -4.82 -0.80 -6.93
C THR A 100 -3.47 -1.45 -6.77
N SER A 101 -3.34 -2.48 -5.91
CA SER A 101 -2.03 -3.10 -5.69
C SER A 101 -1.74 -3.92 -6.93
N GLU A 102 -0.48 -4.36 -7.16
CA GLU A 102 -0.19 -5.02 -8.43
C GLU A 102 1.12 -5.79 -8.37
N ILE A 103 1.12 -7.13 -8.49
CA ILE A 103 2.37 -7.90 -8.55
C ILE A 103 2.84 -7.93 -9.98
N VAL A 104 4.17 -7.98 -10.21
CA VAL A 104 4.72 -7.95 -11.56
C VAL A 104 5.83 -8.98 -11.61
N GLY A 105 5.47 -10.29 -11.64
CA GLY A 105 6.48 -11.35 -11.68
C GLY A 105 7.13 -11.49 -10.33
N ASP A 106 8.17 -10.67 -10.03
CA ASP A 106 8.87 -10.77 -8.76
C ASP A 106 9.15 -9.36 -8.29
N LYS A 107 8.07 -8.56 -8.15
CA LYS A 107 8.22 -7.13 -7.87
C LYS A 107 6.85 -6.61 -7.55
N LEU A 108 6.62 -5.92 -6.40
CA LEU A 108 5.28 -5.48 -6.04
C LEU A 108 5.22 -4.02 -6.37
N VAL A 109 4.11 -3.52 -6.96
CA VAL A 109 3.99 -2.09 -7.25
C VAL A 109 2.58 -1.67 -6.93
N GLU A 110 2.30 -0.35 -6.88
CA GLU A 110 0.96 0.12 -6.53
C GLU A 110 0.66 1.38 -7.30
N VAL A 111 -0.60 1.88 -7.22
CA VAL A 111 -0.91 3.19 -7.80
C VAL A 111 -2.05 3.79 -6.96
N SER A 112 -1.76 4.76 -6.06
CA SER A 112 -2.79 5.31 -5.16
C SER A 112 -3.50 6.39 -5.91
N THR A 113 -4.61 6.96 -5.40
CA THR A 113 -5.38 7.90 -6.22
C THR A 113 -6.28 8.75 -5.37
N ILE A 114 -6.48 10.05 -5.69
CA ILE A 114 -7.35 10.88 -4.85
C ILE A 114 -7.70 12.15 -5.59
N GLY A 115 -8.96 12.65 -5.53
CA GLY A 115 -9.31 13.89 -6.23
C GLY A 115 -8.77 13.89 -7.65
N GLY A 116 -7.55 14.42 -7.85
CA GLY A 116 -6.92 14.38 -9.18
C GLY A 116 -5.42 14.25 -9.07
N VAL A 117 -4.93 13.36 -8.16
CA VAL A 117 -3.49 13.18 -7.96
C VAL A 117 -3.25 11.70 -7.75
N THR A 118 -2.05 11.17 -8.12
CA THR A 118 -1.81 9.73 -8.05
C THR A 118 -0.50 9.50 -7.32
N TYR A 119 -0.16 8.25 -6.93
CA TYR A 119 1.16 8.00 -6.35
C TYR A 119 1.55 6.56 -6.60
N GLU A 120 2.56 6.27 -7.46
CA GLU A 120 2.97 4.88 -7.67
C GLU A 120 4.15 4.54 -6.79
N ARG A 121 4.40 3.23 -6.56
CA ARG A 121 5.61 2.84 -5.81
C ARG A 121 6.08 1.54 -6.38
N VAL A 122 7.32 1.10 -6.06
CA VAL A 122 7.85 -0.11 -6.67
C VAL A 122 8.51 -0.91 -5.58
N SER A 123 7.72 -1.62 -4.75
CA SER A 123 8.33 -2.38 -3.68
C SER A 123 8.98 -3.58 -4.33
N LYS A 124 10.30 -3.51 -4.63
CA LYS A 124 11.00 -4.64 -5.25
C LYS A 124 10.91 -5.84 -4.35
N ARG A 125 11.30 -7.06 -4.81
CA ARG A 125 11.07 -8.29 -4.04
C ARG A 125 12.42 -8.75 -3.54
N LEU A 126 12.85 -8.25 -2.36
CA LEU A 126 14.21 -8.49 -1.88
C LEU A 126 14.25 -8.16 -0.41
N ALA A 127 15.40 -7.83 0.20
CA ALA A 127 15.44 -7.62 1.65
C ALA A 127 16.56 -6.67 2.00
N ALA A 1 -0.47 -15.88 -5.91
CA ALA A 1 -0.23 -14.48 -6.21
C ALA A 1 -0.13 -13.67 -4.95
N PHE A 2 0.45 -12.45 -5.01
CA PHE A 2 0.54 -11.59 -3.83
C PHE A 2 1.04 -12.37 -2.64
N THR A 3 2.33 -12.80 -2.69
CA THR A 3 2.90 -13.53 -1.56
C THR A 3 4.41 -13.41 -1.64
N GLY A 4 5.08 -12.77 -0.66
CA GLY A 4 6.54 -12.67 -0.69
C GLY A 4 7.02 -11.48 0.10
N LYS A 5 8.34 -11.28 0.26
CA LYS A 5 8.85 -10.08 0.91
C LYS A 5 9.27 -9.11 -0.18
N PHE A 6 9.06 -7.79 0.02
CA PHE A 6 9.46 -6.79 -0.97
C PHE A 6 10.10 -5.62 -0.25
N GLU A 7 10.72 -4.64 -0.95
CA GLU A 7 11.09 -3.41 -0.23
C GLU A 7 11.03 -2.22 -1.16
N MET A 8 10.78 -1.01 -0.61
CA MET A 8 10.56 0.15 -1.45
C MET A 8 11.89 0.73 -1.89
N GLU A 9 11.90 1.54 -2.97
CA GLU A 9 13.16 2.08 -3.48
C GLU A 9 12.96 3.20 -4.50
N SER A 10 12.03 3.10 -5.49
CA SER A 10 11.76 4.22 -6.40
C SER A 10 10.33 4.65 -6.19
N GLU A 11 9.99 5.93 -6.49
CA GLU A 11 8.70 6.47 -6.04
C GLU A 11 8.43 7.81 -6.70
N LYS A 12 7.15 8.26 -6.87
CA LYS A 12 6.91 9.53 -7.58
C LYS A 12 5.49 10.02 -7.41
N ASN A 13 5.20 11.30 -7.78
CA ASN A 13 3.84 11.83 -7.67
C ASN A 13 3.40 11.84 -6.22
N TYR A 14 4.30 12.27 -5.32
CA TYR A 14 4.16 11.91 -3.90
C TYR A 14 3.89 13.09 -3.00
N ASP A 15 4.80 14.09 -2.92
CA ASP A 15 4.56 15.20 -2.02
C ASP A 15 3.16 15.72 -2.22
N GLU A 16 2.77 15.98 -3.48
CA GLU A 16 1.41 16.44 -3.73
C GLU A 16 0.41 15.41 -3.26
N PHE A 17 0.46 14.13 -3.69
CA PHE A 17 -0.54 13.19 -3.18
C PHE A 17 -0.71 13.27 -1.68
N MET A 18 0.40 13.52 -0.94
CA MET A 18 0.33 13.52 0.51
C MET A 18 -0.05 14.88 1.04
N LYS A 19 0.19 15.98 0.30
CA LYS A 19 -0.32 17.28 0.76
C LYS A 19 -1.83 17.20 0.68
N LEU A 20 -2.40 16.55 -0.39
CA LEU A 20 -3.84 16.36 -0.44
C LEU A 20 -4.23 15.38 0.65
N LEU A 21 -3.58 14.20 0.73
CA LEU A 21 -4.04 13.16 1.65
C LEU A 21 -4.07 13.71 3.06
N GLY A 22 -2.97 14.38 3.47
CA GLY A 22 -2.93 15.07 4.77
C GLY A 22 -1.94 14.40 5.68
N ILE A 23 -0.62 14.47 5.37
CA ILE A 23 0.40 13.79 6.17
C ILE A 23 1.45 14.78 6.61
N SER A 24 2.21 14.50 7.69
CA SER A 24 3.19 15.46 8.17
C SER A 24 4.40 15.59 7.27
N SER A 25 5.08 16.76 7.27
CA SER A 25 6.21 16.97 6.37
C SER A 25 7.36 16.01 6.61
N ASP A 26 7.60 15.55 7.86
CA ASP A 26 8.77 14.72 8.11
C ASP A 26 8.42 13.32 7.67
N VAL A 27 7.20 12.86 8.03
CA VAL A 27 6.76 11.55 7.60
C VAL A 27 6.79 11.53 6.08
N ILE A 28 6.38 12.63 5.41
CA ILE A 28 6.47 12.63 3.94
C ILE A 28 7.90 12.41 3.55
N GLU A 29 8.83 13.34 3.86
CA GLU A 29 10.19 13.19 3.34
C GLU A 29 10.84 11.89 3.80
N LYS A 30 10.39 11.24 4.89
CA LYS A 30 10.96 9.94 5.22
C LYS A 30 10.55 8.99 4.13
N ALA A 31 9.23 8.70 3.96
CA ALA A 31 8.81 7.76 2.92
C ALA A 31 9.11 8.28 1.53
N ARG A 32 9.56 9.54 1.31
CA ARG A 32 10.10 9.89 -0.01
C ARG A 32 11.27 8.97 -0.26
N ASN A 33 12.24 8.90 0.69
CA ASN A 33 13.48 8.17 0.45
C ASN A 33 13.87 7.30 1.63
N PHE A 34 12.91 6.50 2.16
CA PHE A 34 13.22 5.53 3.20
C PHE A 34 12.87 4.16 2.64
N LYS A 35 13.82 3.19 2.60
CA LYS A 35 13.50 1.88 2.05
C LYS A 35 12.60 1.19 3.06
N ILE A 36 11.28 1.54 3.08
CA ILE A 36 10.34 0.83 3.95
C ILE A 36 10.27 -0.59 3.43
N VAL A 37 10.12 -1.61 4.32
CA VAL A 37 10.05 -2.99 3.86
C VAL A 37 8.60 -3.37 3.85
N THR A 38 8.25 -4.36 3.00
CA THR A 38 6.87 -4.78 2.87
C THR A 38 6.87 -6.27 2.72
N GLU A 39 5.77 -6.95 3.11
CA GLU A 39 5.68 -8.37 2.86
C GLU A 39 4.23 -8.73 2.74
N VAL A 40 3.91 -9.86 2.08
CA VAL A 40 2.51 -10.16 1.80
C VAL A 40 2.24 -11.64 1.92
N GLN A 41 1.00 -12.04 2.24
CA GLN A 41 0.63 -13.44 2.22
C GLN A 41 -0.80 -13.55 1.73
N GLN A 42 -1.05 -14.01 0.48
CA GLN A 42 -2.41 -14.26 0.06
C GLN A 42 -2.85 -15.53 0.75
N ASP A 43 -3.37 -15.46 2.00
CA ASP A 43 -3.89 -16.67 2.65
C ASP A 43 -5.27 -16.86 2.08
N GLY A 44 -5.37 -17.22 0.77
CA GLY A 44 -6.67 -17.30 0.13
C GLY A 44 -7.29 -15.92 0.02
N GLN A 45 -8.61 -15.88 -0.20
CA GLN A 45 -9.35 -14.61 -0.27
C GLN A 45 -8.92 -13.67 0.83
N ASP A 46 -8.59 -14.18 2.05
CA ASP A 46 -8.08 -13.30 3.09
C ASP A 46 -6.62 -13.04 2.85
N PHE A 47 -6.18 -11.77 2.69
CA PHE A 47 -4.74 -11.50 2.56
C PHE A 47 -4.22 -11.17 3.94
N THR A 48 -2.88 -11.25 4.14
CA THR A 48 -2.29 -10.83 5.41
C THR A 48 -1.12 -9.96 4.97
N TRP A 49 -1.39 -8.68 4.64
CA TRP A 49 -0.32 -7.79 4.16
C TRP A 49 0.46 -7.32 5.35
N SER A 50 1.69 -6.78 5.18
CA SER A 50 2.32 -6.07 6.30
C SER A 50 3.34 -5.08 5.79
N GLN A 51 3.66 -4.04 6.60
CA GLN A 51 4.58 -2.99 6.17
C GLN A 51 5.55 -2.75 7.32
N HIS A 52 6.86 -3.10 7.20
CA HIS A 52 7.74 -3.03 8.37
C HIS A 52 8.59 -1.77 8.33
N TYR A 53 8.67 -1.00 9.45
CA TYR A 53 9.52 0.18 9.47
C TYR A 53 9.64 0.73 10.87
N SER A 54 10.75 1.42 11.24
CA SER A 54 10.87 2.02 12.57
C SER A 54 10.73 0.99 13.67
N GLY A 55 11.63 -0.02 13.67
CA GLY A 55 11.75 -0.94 14.80
C GLY A 55 10.42 -1.38 15.37
N GLY A 56 9.94 -0.75 16.47
CA GLY A 56 8.69 -1.20 17.09
C GLY A 56 7.49 -0.59 16.39
N HIS A 57 7.32 -0.88 15.08
CA HIS A 57 6.18 -0.36 14.33
C HIS A 57 6.06 -1.17 13.06
N THR A 58 5.62 -2.44 13.15
CA THR A 58 5.28 -3.17 11.94
C THR A 58 3.83 -2.82 11.70
N MET A 59 3.54 -1.82 10.84
CA MET A 59 2.14 -1.51 10.56
C MET A 59 1.61 -2.67 9.76
N THR A 60 0.29 -2.99 9.78
CA THR A 60 -0.21 -4.09 8.95
C THR A 60 -1.51 -3.73 8.26
N ASN A 61 -1.81 -4.38 7.11
CA ASN A 61 -3.02 -4.07 6.36
C ASN A 61 -3.66 -5.38 5.94
N LYS A 62 -4.27 -6.12 6.89
CA LYS A 62 -4.97 -7.35 6.49
C LYS A 62 -6.28 -6.98 5.86
N PHE A 63 -6.85 -7.87 5.00
CA PHE A 63 -8.16 -7.60 4.43
C PHE A 63 -8.69 -8.85 3.76
N THR A 64 -9.97 -8.85 3.31
CA THR A 64 -10.49 -10.00 2.56
C THR A 64 -11.14 -9.44 1.31
N VAL A 65 -10.79 -9.99 0.12
CA VAL A 65 -11.16 -9.31 -1.12
C VAL A 65 -12.57 -9.74 -1.48
N GLY A 66 -13.37 -8.84 -2.10
CA GLY A 66 -14.76 -9.17 -2.34
C GLY A 66 -15.57 -9.21 -1.06
N LYS A 67 -15.03 -8.81 0.12
CA LYS A 67 -15.82 -8.92 1.36
C LYS A 67 -15.74 -7.75 2.32
N GLU A 68 -15.03 -6.65 2.02
CA GLU A 68 -14.91 -5.53 2.95
C GLU A 68 -14.25 -5.86 4.26
N SER A 69 -13.37 -4.97 4.77
CA SER A 69 -12.73 -5.18 6.07
C SER A 69 -12.13 -3.87 6.53
N ASN A 70 -11.77 -3.69 7.82
CA ASN A 70 -11.15 -2.44 8.22
C ASN A 70 -9.73 -2.43 7.70
N ILE A 71 -9.21 -1.27 7.21
CA ILE A 71 -7.84 -1.21 6.68
C ILE A 71 -7.21 0.08 7.17
N GLN A 72 -5.88 0.11 7.44
CA GLN A 72 -5.24 1.30 8.00
C GLN A 72 -4.33 1.91 6.96
N THR A 73 -4.90 2.29 5.80
CA THR A 73 -4.15 3.04 4.79
C THR A 73 -3.51 4.26 5.41
N MET A 74 -2.60 4.96 4.67
CA MET A 74 -1.94 6.13 5.25
C MET A 74 -2.98 7.16 5.63
N GLY A 75 -2.70 7.97 6.69
CA GLY A 75 -3.68 8.90 7.20
C GLY A 75 -3.61 8.93 8.71
N GLY A 76 -4.52 9.68 9.37
CA GLY A 76 -4.48 9.80 10.82
C GLY A 76 -5.16 8.67 11.55
N LYS A 77 -6.08 7.90 10.92
CA LYS A 77 -6.87 6.92 11.66
C LYS A 77 -7.06 5.65 10.86
N THR A 78 -7.68 4.59 11.44
CA THR A 78 -7.99 3.39 10.67
C THR A 78 -9.21 3.69 9.81
N PHE A 79 -9.38 2.99 8.66
CA PHE A 79 -10.52 3.23 7.76
C PHE A 79 -11.17 1.92 7.42
N LYS A 80 -12.16 1.93 6.51
CA LYS A 80 -12.74 0.68 6.00
C LYS A 80 -12.91 0.80 4.50
N ALA A 81 -12.77 -0.30 3.73
CA ALA A 81 -12.77 -0.20 2.27
C ALA A 81 -13.04 -1.55 1.66
N THR A 82 -13.43 -1.63 0.37
CA THR A 82 -13.76 -2.92 -0.23
C THR A 82 -12.64 -3.33 -1.14
N VAL A 83 -11.73 -4.22 -0.70
CA VAL A 83 -10.67 -4.69 -1.60
C VAL A 83 -11.32 -5.65 -2.55
N GLN A 84 -10.86 -5.71 -3.81
CA GLN A 84 -11.33 -6.70 -4.79
C GLN A 84 -10.11 -7.13 -5.57
N MET A 85 -10.27 -8.04 -6.55
CA MET A 85 -9.13 -8.57 -7.29
C MET A 85 -9.48 -8.59 -8.76
N GLU A 86 -8.48 -8.89 -9.61
CA GLU A 86 -8.78 -9.12 -11.02
C GLU A 86 -7.71 -9.99 -11.67
N GLY A 87 -7.58 -11.26 -11.22
CA GLY A 87 -6.64 -12.19 -11.85
C GLY A 87 -5.38 -12.23 -11.01
N GLY A 88 -4.27 -11.60 -11.47
CA GLY A 88 -3.05 -11.50 -10.66
C GLY A 88 -2.83 -10.04 -10.36
N LYS A 89 -3.91 -9.30 -10.02
CA LYS A 89 -3.80 -7.85 -9.83
C LYS A 89 -4.86 -7.45 -8.82
N LEU A 90 -4.63 -6.36 -8.04
CA LEU A 90 -5.45 -6.09 -6.86
C LEU A 90 -6.12 -4.75 -6.93
N VAL A 91 -7.30 -4.58 -6.27
CA VAL A 91 -8.07 -3.34 -6.40
C VAL A 91 -8.64 -2.93 -5.07
N VAL A 92 -8.80 -1.63 -4.74
CA VAL A 92 -9.53 -1.23 -3.55
C VAL A 92 -10.02 0.19 -3.68
N ASN A 93 -11.05 0.57 -2.89
CA ASN A 93 -11.53 1.95 -2.90
C ASN A 93 -12.05 2.29 -1.51
N PHE A 94 -11.78 3.51 -0.99
CA PHE A 94 -12.13 3.87 0.38
C PHE A 94 -13.09 5.03 0.30
N PRO A 95 -13.84 5.45 1.34
CA PRO A 95 -14.52 6.74 1.27
C PRO A 95 -13.48 7.83 1.51
N ASN A 96 -12.48 7.98 0.59
CA ASN A 96 -11.41 8.96 0.77
C ASN A 96 -10.48 8.87 -0.43
N TYR A 97 -9.52 7.91 -0.47
CA TYR A 97 -8.62 7.73 -1.60
C TYR A 97 -8.92 6.42 -2.29
N HIS A 98 -8.10 6.02 -3.29
CA HIS A 98 -8.27 4.75 -3.99
C HIS A 98 -6.92 4.13 -4.17
N GLN A 99 -6.84 2.79 -4.40
CA GLN A 99 -5.53 2.16 -4.57
C GLN A 99 -5.68 0.90 -5.39
N THR A 100 -4.65 0.50 -6.16
CA THR A 100 -4.71 -0.70 -6.99
C THR A 100 -3.31 -1.26 -7.03
N SER A 101 -3.01 -2.41 -6.36
CA SER A 101 -1.65 -2.94 -6.39
C SER A 101 -1.54 -3.91 -7.53
N GLU A 102 -0.31 -4.24 -8.00
CA GLU A 102 -0.15 -5.17 -9.11
C GLU A 102 1.13 -5.95 -8.95
N ILE A 103 1.08 -7.30 -8.86
CA ILE A 103 2.30 -8.10 -8.82
C ILE A 103 2.73 -8.35 -10.24
N VAL A 104 4.06 -8.46 -10.51
CA VAL A 104 4.53 -8.65 -11.88
C VAL A 104 5.63 -9.69 -11.81
N GLY A 105 5.25 -10.99 -11.67
CA GLY A 105 6.25 -12.05 -11.63
C GLY A 105 6.99 -12.01 -10.31
N ASP A 106 8.00 -11.12 -10.18
CA ASP A 106 8.79 -11.04 -8.96
C ASP A 106 9.02 -9.58 -8.66
N LYS A 107 7.92 -8.83 -8.45
CA LYS A 107 8.01 -7.40 -8.19
C LYS A 107 6.64 -6.93 -7.75
N LEU A 108 6.52 -6.05 -6.73
CA LEU A 108 5.21 -5.56 -6.28
C LEU A 108 5.20 -4.09 -6.63
N VAL A 109 4.10 -3.52 -7.18
CA VAL A 109 4.04 -2.08 -7.39
C VAL A 109 2.70 -1.58 -6.91
N GLU A 110 2.49 -0.25 -6.89
CA GLU A 110 1.21 0.28 -6.45
C GLU A 110 0.89 1.58 -7.16
N VAL A 111 -0.41 1.96 -7.29
CA VAL A 111 -0.77 3.24 -7.90
C VAL A 111 -1.91 3.80 -7.08
N SER A 112 -1.69 4.88 -6.30
CA SER A 112 -2.76 5.45 -5.46
C SER A 112 -3.64 6.35 -6.27
N THR A 113 -4.75 6.89 -5.71
CA THR A 113 -5.49 7.93 -6.41
C THR A 113 -6.39 8.68 -5.44
N ILE A 114 -6.78 9.95 -5.72
CA ILE A 114 -7.71 10.65 -4.83
C ILE A 114 -8.53 11.72 -5.52
N GLY A 115 -7.92 12.68 -6.26
CA GLY A 115 -8.71 13.74 -6.89
C GLY A 115 -7.88 14.44 -7.94
N GLY A 116 -7.61 13.75 -9.07
CA GLY A 116 -6.71 14.31 -10.07
C GLY A 116 -5.27 14.26 -9.61
N VAL A 117 -4.91 13.32 -8.70
CA VAL A 117 -3.54 13.21 -8.22
C VAL A 117 -3.29 11.74 -7.93
N THR A 118 -2.04 11.24 -8.09
CA THR A 118 -1.76 9.81 -7.93
C THR A 118 -0.48 9.67 -7.14
N TYR A 119 -0.17 8.48 -6.60
CA TYR A 119 1.17 8.24 -6.01
C TYR A 119 1.54 6.82 -6.34
N GLU A 120 2.63 6.56 -7.10
CA GLU A 120 2.94 5.18 -7.50
C GLU A 120 4.31 4.79 -7.02
N ARG A 121 4.60 3.47 -6.94
CA ARG A 121 5.80 3.06 -6.21
C ARG A 121 6.13 1.63 -6.59
N VAL A 122 7.41 1.19 -6.48
CA VAL A 122 7.82 -0.06 -7.10
C VAL A 122 8.58 -0.87 -6.07
N SER A 123 7.86 -1.71 -5.28
CA SER A 123 8.52 -2.47 -4.23
C SER A 123 9.10 -3.74 -4.84
N LYS A 124 10.44 -3.83 -5.06
CA LYS A 124 11.00 -5.01 -5.72
C LYS A 124 10.87 -6.24 -4.83
N ARG A 125 11.09 -7.46 -5.38
CA ARG A 125 10.86 -8.70 -4.64
C ARG A 125 12.21 -9.26 -4.23
N LEU A 126 12.69 -8.90 -3.02
CA LEU A 126 14.03 -9.25 -2.58
C LEU A 126 14.12 -8.87 -1.11
N ALA A 127 15.31 -8.65 -0.52
CA ALA A 127 15.38 -8.29 0.89
C ALA A 127 16.72 -7.69 1.24
#